data_5FHD
#
_entry.id   5FHD
#
_cell.length_a   48.471
_cell.length_b   149.640
_cell.length_c   185.140
_cell.angle_alpha   90.00
_cell.angle_beta   90.00
_cell.angle_gamma   90.00
#
_symmetry.space_group_name_H-M   'P 21 21 21'
#
loop_
_entity.id
_entity.type
_entity.pdbx_description
1 polymer 'Uncharacterized protein'
2 polymer "DNA (5'-D(*TP*TP*TP*TP*TP*TP*TP*CP*CP*GP*GP*GP*GP*CP*CP*GP*CP*GP*C)-3')"
3 non-polymer "ADENOSINE-5'-DIPHOSPHATE"
4 non-polymer 'MAGNESIUM ION'
5 non-polymer 'TETRAFLUOROALUMINATE ION'
6 water water
#
loop_
_entity_poly.entity_id
_entity_poly.type
_entity_poly.pdbx_seq_one_letter_code
_entity_poly.pdbx_strand_id
1 'polypeptide(L)'
;MEDMILTEEMQKIMNLIQDDENNVFVTGKAGSGKTTFLKYLIEKSGKNCIVAAPTGIAAINAGGVTLHSLFGIPFGPITP
YDRLENKFSEYKVELLLKMELLIIDEISMVRPDILDTIDRKLRWVYESDEPFGGVQVVMFGDLFQLPPVTKKQEREILSD
FYDGFFFFNALVFKRTGFHIVELTKIFRQTEPEFINVLNNIRNYQVTSDELDLLSELKDRKISSSYDNEYIHICTHKADV
EKINADKLGEQEIRNYDIVIKDKFPESSIPCDLHLKLRVGARVMSLVNDSLKGYYNGMLGIVTALEDNVITVRMDNGRTI
KFERYTWSNTQYTLKDNEIVKEEIGSCTQFPLTLAWAITIHKSQGLTFDKIIIHVSHTFCPGQLYVALSRCRTLEGIVSD
AFITKQMIIPEYALIDFERAYKSEGNYYGKRLD
;
A,B
2 'polydeoxyribonucleotide' (DT)(DT)(DT)(DT)(DT)(DT)(DT)(DC)(DC)(DG)(DG)(DG)(DG)(DC)(DC)(DG)(DC)(DG)(DC) C,E
#
# COMPACT_ATOMS: atom_id res chain seq x y z
N ASP A 3 -16.07 -4.77 -19.05
CA ASP A 3 -15.93 -4.40 -20.45
C ASP A 3 -15.12 -5.46 -21.21
N MET A 4 -14.65 -6.48 -20.50
CA MET A 4 -14.03 -7.57 -21.22
CA MET A 4 -14.04 -7.64 -21.14
C MET A 4 -15.12 -8.44 -21.84
N ILE A 5 -14.92 -8.78 -23.10
CA ILE A 5 -15.87 -9.60 -23.84
C ILE A 5 -15.47 -11.06 -23.70
N LEU A 6 -16.39 -11.90 -23.26
CA LEU A 6 -16.14 -13.35 -23.27
C LEU A 6 -16.68 -13.94 -24.58
N THR A 7 -15.78 -14.36 -25.48
CA THR A 7 -16.23 -14.86 -26.77
C THR A 7 -16.59 -16.34 -26.68
N GLU A 8 -17.26 -16.82 -27.72
CA GLU A 8 -17.60 -18.24 -27.76
C GLU A 8 -16.34 -19.09 -27.82
N GLU A 9 -15.31 -18.62 -28.55
CA GLU A 9 -14.05 -19.38 -28.55
C GLU A 9 -13.52 -19.53 -27.14
N MET A 10 -13.54 -18.44 -26.37
CA MET A 10 -13.02 -18.50 -25.00
C MET A 10 -13.83 -19.47 -24.15
N GLN A 11 -15.16 -19.44 -24.32
CA GLN A 11 -15.99 -20.35 -23.54
C GLN A 11 -15.66 -21.78 -23.89
N LYS A 12 -15.47 -22.08 -25.18
CA LYS A 12 -15.17 -23.46 -25.56
C LYS A 12 -13.84 -23.91 -24.97
N ILE A 13 -12.86 -23.02 -24.88
CA ILE A 13 -11.56 -23.41 -24.37
C ILE A 13 -11.62 -23.67 -22.86
N MET A 14 -12.32 -22.79 -22.12
CA MET A 14 -12.62 -23.01 -20.71
C MET A 14 -13.20 -24.37 -20.48
N ASN A 15 -14.19 -24.71 -21.29
CA ASN A 15 -14.86 -25.99 -21.07
C ASN A 15 -13.95 -27.15 -21.44
N LEU A 16 -13.15 -26.98 -22.50
CA LEU A 16 -12.16 -28.00 -22.84
C LEU A 16 -11.22 -28.26 -21.66
N ILE A 17 -10.68 -27.20 -21.07
CA ILE A 17 -9.67 -27.37 -20.02
C ILE A 17 -10.28 -28.00 -18.78
N GLN A 18 -11.54 -27.71 -18.49
CA GLN A 18 -12.21 -28.29 -17.34
C GLN A 18 -12.60 -29.76 -17.56
N ASP A 19 -12.94 -30.13 -18.80
CA ASP A 19 -13.45 -31.47 -19.10
C ASP A 19 -12.37 -32.47 -19.47
N ASP A 20 -11.19 -32.00 -19.82
CA ASP A 20 -10.21 -32.84 -20.52
C ASP A 20 -8.89 -32.50 -19.87
N GLU A 21 -8.18 -33.50 -19.34
CA GLU A 21 -6.95 -33.23 -18.59
C GLU A 21 -5.75 -33.02 -19.49
N ASN A 22 -5.92 -33.16 -20.80
CA ASN A 22 -4.82 -32.95 -21.73
C ASN A 22 -4.23 -31.55 -21.59
N ASN A 23 -2.95 -31.42 -21.90
CA ASN A 23 -2.27 -30.13 -22.03
C ASN A 23 -2.84 -29.39 -23.21
N VAL A 24 -2.72 -28.06 -23.18
CA VAL A 24 -3.32 -27.23 -24.22
C VAL A 24 -2.37 -26.09 -24.55
N PHE A 25 -2.22 -25.80 -25.85
CA PHE A 25 -1.57 -24.55 -26.31
C PHE A 25 -2.68 -23.62 -26.79
N VAL A 26 -2.87 -22.50 -26.10
CA VAL A 26 -3.81 -21.46 -26.52
C VAL A 26 -3.06 -20.44 -27.33
N THR A 27 -3.38 -20.31 -28.60
CA THR A 27 -2.56 -19.41 -29.38
C THR A 27 -3.49 -18.40 -30.05
N GLY A 28 -2.90 -17.53 -30.82
CA GLY A 28 -3.64 -16.49 -31.50
C GLY A 28 -2.70 -15.33 -31.73
N LYS A 29 -3.09 -14.45 -32.63
CA LYS A 29 -2.23 -13.34 -33.03
C LYS A 29 -2.06 -12.32 -31.89
N ALA A 30 -1.13 -11.38 -32.09
CA ALA A 30 -0.91 -10.31 -31.09
C ALA A 30 -2.23 -9.63 -30.74
N GLY A 31 -2.46 -9.44 -29.43
CA GLY A 31 -3.61 -8.62 -29.00
C GLY A 31 -4.95 -9.29 -29.24
N SER A 32 -4.98 -10.63 -29.32
CA SER A 32 -6.22 -11.38 -29.42
C SER A 32 -6.79 -11.72 -28.07
N GLY A 33 -6.27 -11.13 -27.01
CA GLY A 33 -6.85 -11.41 -25.70
C GLY A 33 -6.31 -12.62 -24.98
N LYS A 34 -5.14 -13.12 -25.36
CA LYS A 34 -4.67 -14.36 -24.75
C LYS A 34 -4.39 -14.19 -23.26
N THR A 35 -3.63 -13.15 -22.90
CA THR A 35 -3.27 -12.99 -21.49
C THR A 35 -4.48 -12.53 -20.69
N THR A 36 -5.34 -11.70 -21.29
CA THR A 36 -6.61 -11.34 -20.66
C THR A 36 -7.43 -12.58 -20.36
N PHE A 37 -7.49 -13.53 -21.30
CA PHE A 37 -8.28 -14.73 -21.10
C PHE A 37 -7.63 -15.66 -20.09
N LEU A 38 -6.29 -15.72 -20.12
CA LEU A 38 -5.53 -16.44 -19.10
C LEU A 38 -5.98 -16.03 -17.70
N LYS A 39 -6.04 -14.73 -17.45
CA LYS A 39 -6.42 -14.27 -16.11
C LYS A 39 -7.87 -14.63 -15.81
N TYR A 40 -8.72 -14.62 -16.84
CA TYR A 40 -10.11 -15.03 -16.66
C TYR A 40 -10.21 -16.51 -16.32
N LEU A 41 -9.52 -17.36 -17.09
CA LEU A 41 -9.49 -18.80 -16.85
C LEU A 41 -9.15 -19.14 -15.40
N ILE A 42 -8.11 -18.51 -14.87
CA ILE A 42 -7.68 -18.81 -13.51
C ILE A 42 -8.73 -18.37 -12.50
N GLU A 43 -9.12 -17.10 -12.58
CA GLU A 43 -10.15 -16.56 -11.69
C GLU A 43 -11.37 -17.47 -11.65
N LYS A 44 -11.76 -18.03 -12.80
CA LYS A 44 -12.99 -18.83 -12.87
C LYS A 44 -12.79 -20.32 -12.66
N SER A 45 -11.62 -20.86 -12.97
CA SER A 45 -11.37 -22.27 -12.73
C SER A 45 -11.45 -22.54 -11.23
N GLY A 46 -11.88 -23.73 -10.87
CA GLY A 46 -11.71 -24.07 -9.47
C GLY A 46 -10.35 -24.69 -9.15
N LYS A 47 -9.41 -24.66 -10.08
CA LYS A 47 -8.14 -25.37 -9.85
C LYS A 47 -7.14 -24.47 -9.18
N ASN A 48 -6.21 -25.06 -8.46
CA ASN A 48 -5.05 -24.31 -7.98
C ASN A 48 -4.10 -24.08 -9.17
N CYS A 49 -3.91 -22.85 -9.58
CA CYS A 49 -3.12 -22.53 -10.76
C CYS A 49 -1.87 -21.78 -10.33
N ILE A 50 -0.74 -22.05 -10.98
CA ILE A 50 0.44 -21.19 -10.83
C ILE A 50 0.80 -20.66 -12.21
N VAL A 51 1.10 -19.36 -12.30
CA VAL A 51 1.35 -18.66 -13.56
C VAL A 51 2.85 -18.32 -13.66
N ALA A 52 3.46 -18.57 -14.81
CA ALA A 52 4.85 -18.21 -15.04
C ALA A 52 5.02 -17.77 -16.49
N ALA A 53 6.17 -17.16 -16.76
CA ALA A 53 6.47 -16.72 -18.12
C ALA A 53 7.98 -16.63 -18.25
N PRO A 54 8.51 -16.60 -19.48
CA PRO A 54 9.98 -16.60 -19.60
C PRO A 54 10.62 -15.27 -19.28
N THR A 55 9.94 -14.13 -19.47
CA THR A 55 10.54 -12.84 -19.13
C THR A 55 9.86 -12.23 -17.92
N GLY A 56 10.60 -11.40 -17.17
CA GLY A 56 10.04 -10.82 -15.96
C GLY A 56 8.86 -9.92 -16.27
N ILE A 57 8.97 -9.10 -17.32
CA ILE A 57 7.86 -8.23 -17.70
C ILE A 57 6.63 -9.05 -18.08
N ALA A 58 6.81 -10.05 -18.94
CA ALA A 58 5.64 -10.85 -19.31
C ALA A 58 5.05 -11.57 -18.10
N ALA A 59 5.89 -12.05 -17.19
CA ALA A 59 5.39 -12.74 -16.01
C ALA A 59 4.53 -11.81 -15.17
N ILE A 60 5.04 -10.59 -14.88
CA ILE A 60 4.25 -9.59 -14.15
C ILE A 60 2.94 -9.30 -14.88
N ASN A 61 2.99 -9.14 -16.20
CA ASN A 61 1.76 -8.86 -16.95
C ASN A 61 0.70 -9.94 -16.81
N ALA A 62 1.12 -11.20 -16.69
CA ALA A 62 0.19 -12.31 -16.52
C ALA A 62 -0.14 -12.58 -15.06
N GLY A 63 0.48 -11.87 -14.12
CA GLY A 63 0.24 -12.12 -12.72
C GLY A 63 1.08 -13.19 -12.10
N GLY A 64 2.19 -13.60 -12.73
CA GLY A 64 3.00 -14.66 -12.18
C GLY A 64 4.44 -14.24 -12.02
N VAL A 65 5.33 -15.23 -12.14
CA VAL A 65 6.76 -15.10 -11.86
C VAL A 65 7.51 -15.73 -13.03
N THR A 66 8.79 -15.44 -13.13
CA THR A 66 9.57 -16.06 -14.21
C THR A 66 9.68 -17.55 -14.00
N LEU A 67 9.75 -18.29 -15.13
CA LEU A 67 10.01 -19.72 -15.05
C LEU A 67 11.30 -20.01 -14.30
N HIS A 68 12.36 -19.22 -14.54
CA HIS A 68 13.64 -19.49 -13.89
C HIS A 68 13.53 -19.40 -12.38
N SER A 69 12.76 -18.44 -11.87
CA SER A 69 12.57 -18.28 -10.43
C SER A 69 11.67 -19.37 -9.88
N LEU A 70 10.54 -19.61 -10.52
CA LEU A 70 9.62 -20.63 -10.02
C LEU A 70 10.30 -21.98 -9.88
N PHE A 71 11.08 -22.41 -10.88
CA PHE A 71 11.62 -23.75 -10.89
C PHE A 71 13.12 -23.82 -10.61
N GLY A 72 13.75 -22.71 -10.22
CA GLY A 72 15.17 -22.74 -9.86
C GLY A 72 16.05 -23.21 -10.99
N ILE A 73 15.88 -22.62 -12.16
CA ILE A 73 16.54 -23.11 -13.37
C ILE A 73 17.84 -22.33 -13.53
N PRO A 74 18.96 -23.00 -13.76
CA PRO A 74 20.21 -22.25 -14.01
C PRO A 74 20.23 -21.64 -15.40
N PHE A 75 21.21 -20.74 -15.62
CA PHE A 75 21.36 -20.12 -16.92
C PHE A 75 22.19 -21.05 -17.80
N GLY A 76 22.07 -20.90 -19.10
CA GLY A 76 22.90 -21.72 -19.98
C GLY A 76 22.13 -22.97 -20.37
N PRO A 77 22.58 -23.65 -21.42
CA PRO A 77 21.83 -24.82 -21.91
C PRO A 77 21.88 -25.98 -20.92
N ILE A 78 20.76 -26.71 -20.83
CA ILE A 78 20.67 -27.88 -19.95
C ILE A 78 20.42 -29.07 -20.84
N THR A 79 21.31 -30.04 -20.79
CA THR A 79 21.09 -31.22 -21.60
C THR A 79 20.41 -32.29 -20.76
N PRO A 80 19.80 -33.28 -21.40
CA PRO A 80 19.16 -34.36 -20.62
C PRO A 80 20.14 -35.14 -19.77
N TYR A 81 21.44 -34.94 -19.93
CA TYR A 81 22.44 -35.66 -19.17
C TYR A 81 23.03 -34.82 -18.05
N ASP A 82 22.80 -33.51 -18.05
CA ASP A 82 23.21 -32.64 -16.95
C ASP A 82 22.44 -33.03 -15.69
N ARG A 83 23.14 -33.05 -14.55
CA ARG A 83 22.50 -33.33 -13.28
C ARG A 83 21.92 -32.03 -12.72
N LEU A 84 20.68 -32.09 -12.27
CA LEU A 84 20.02 -30.92 -11.72
C LEU A 84 20.16 -30.92 -10.19
N GLU A 85 20.46 -29.76 -9.63
CA GLU A 85 20.36 -29.54 -8.20
C GLU A 85 18.90 -29.39 -7.83
N ASN A 86 18.37 -30.32 -7.07
CA ASN A 86 16.98 -30.24 -6.61
C ASN A 86 17.06 -29.67 -5.21
N LYS A 87 17.07 -28.35 -5.13
CA LYS A 87 17.27 -27.61 -3.88
C LYS A 87 16.07 -26.75 -3.53
N PHE A 88 14.86 -27.26 -3.76
CA PHE A 88 13.65 -26.51 -3.41
C PHE A 88 13.45 -26.43 -1.90
N SER A 89 13.12 -25.24 -1.41
CA SER A 89 12.63 -25.09 -0.05
C SER A 89 11.37 -25.91 0.13
N GLU A 90 11.01 -26.14 1.40
CA GLU A 90 9.76 -26.81 1.69
C GLU A 90 8.57 -25.96 1.27
N TYR A 91 8.69 -24.64 1.41
CA TYR A 91 7.64 -23.76 0.90
C TYR A 91 7.43 -24.00 -0.60
N LYS A 92 8.53 -24.10 -1.36
CA LYS A 92 8.38 -24.26 -2.82
C LYS A 92 7.85 -25.65 -3.18
N VAL A 93 8.36 -26.71 -2.53
CA VAL A 93 7.85 -28.05 -2.77
C VAL A 93 6.35 -28.09 -2.53
N GLU A 94 5.91 -27.51 -1.42
CA GLU A 94 4.51 -27.51 -1.08
C GLU A 94 3.66 -26.76 -2.11
N LEU A 95 4.16 -25.61 -2.57
CA LEU A 95 3.44 -24.87 -3.61
C LEU A 95 3.28 -25.70 -4.89
N LEU A 96 4.36 -26.38 -5.32
CA LEU A 96 4.33 -27.19 -6.53
C LEU A 96 3.46 -28.44 -6.39
N LEU A 97 3.41 -29.03 -5.18
CA LEU A 97 2.50 -30.16 -4.94
C LEU A 97 1.04 -29.72 -4.91
N LYS A 98 0.75 -28.54 -4.36
CA LYS A 98 -0.63 -28.07 -4.34
C LYS A 98 -1.10 -27.67 -5.73
N MET A 99 -0.17 -27.28 -6.60
CA MET A 99 -0.53 -26.80 -7.93
C MET A 99 -1.26 -27.88 -8.70
N GLU A 100 -2.33 -27.52 -9.38
CA GLU A 100 -3.04 -28.46 -10.25
C GLU A 100 -2.87 -28.13 -11.71
N LEU A 101 -2.62 -26.87 -12.01
CA LEU A 101 -2.57 -26.41 -13.39
C LEU A 101 -1.36 -25.48 -13.47
N LEU A 102 -0.41 -25.80 -14.32
CA LEU A 102 0.71 -24.90 -14.59
C LEU A 102 0.39 -24.06 -15.83
N ILE A 103 0.37 -22.73 -15.68
CA ILE A 103 -0.01 -21.81 -16.74
C ILE A 103 1.26 -21.07 -17.19
N ILE A 104 1.63 -21.17 -18.47
CA ILE A 104 2.85 -20.49 -18.95
C ILE A 104 2.44 -19.50 -20.04
N ASP A 105 2.72 -18.21 -19.81
CA ASP A 105 2.42 -17.21 -20.85
C ASP A 105 3.66 -16.92 -21.70
N GLU A 106 3.44 -16.31 -22.88
CA GLU A 106 4.52 -16.03 -23.84
C GLU A 106 5.39 -17.29 -24.09
N ILE A 107 4.71 -18.39 -24.40
CA ILE A 107 5.40 -19.66 -24.57
C ILE A 107 6.40 -19.60 -25.72
N SER A 108 6.21 -18.70 -26.71
CA SER A 108 7.14 -18.66 -27.85
C SER A 108 8.57 -18.40 -27.42
N MET A 109 8.79 -17.71 -26.32
CA MET A 109 10.14 -17.42 -25.86
CA MET A 109 10.15 -17.43 -25.86
C MET A 109 10.68 -18.48 -24.91
N VAL A 110 10.01 -19.63 -24.78
CA VAL A 110 10.45 -20.72 -23.89
C VAL A 110 11.26 -21.75 -24.71
N ARG A 111 12.52 -21.95 -24.30
CA ARG A 111 13.40 -22.92 -24.95
CA ARG A 111 13.39 -22.92 -24.96
C ARG A 111 12.92 -24.34 -24.64
N PRO A 112 13.15 -25.29 -25.58
CA PRO A 112 12.73 -26.69 -25.29
C PRO A 112 13.45 -27.30 -24.10
N ASP A 113 14.72 -26.97 -23.88
CA ASP A 113 15.40 -27.53 -22.72
C ASP A 113 14.87 -26.95 -21.40
N ILE A 114 14.26 -25.75 -21.42
CA ILE A 114 13.60 -25.23 -20.24
C ILE A 114 12.38 -26.07 -19.89
N LEU A 115 11.56 -26.38 -20.89
CA LEU A 115 10.39 -27.23 -20.61
C LEU A 115 10.81 -28.60 -20.12
N ASP A 116 11.90 -29.16 -20.66
CA ASP A 116 12.32 -30.48 -20.20
C ASP A 116 12.85 -30.41 -18.78
N THR A 117 13.58 -29.34 -18.46
CA THR A 117 14.01 -29.13 -17.08
C THR A 117 12.81 -29.03 -16.13
N ILE A 118 11.76 -28.31 -16.55
CA ILE A 118 10.54 -28.24 -15.73
C ILE A 118 9.90 -29.62 -15.55
N ASP A 119 9.79 -30.37 -16.64
CA ASP A 119 9.31 -31.76 -16.54
C ASP A 119 10.14 -32.56 -15.52
N ARG A 120 11.47 -32.53 -15.65
CA ARG A 120 12.33 -33.30 -14.74
C ARG A 120 12.15 -32.85 -13.31
N LYS A 121 12.08 -31.54 -13.06
CA LYS A 121 11.97 -31.04 -11.69
C LYS A 121 10.62 -31.41 -11.08
N LEU A 122 9.55 -31.37 -11.87
CA LEU A 122 8.25 -31.73 -11.32
C LEU A 122 8.15 -33.23 -11.05
N ARG A 123 8.76 -34.06 -11.94
CA ARG A 123 8.74 -35.51 -11.67
C ARG A 123 9.52 -35.84 -10.40
N TRP A 124 10.60 -35.09 -10.15
CA TRP A 124 11.32 -35.25 -8.88
C TRP A 124 10.45 -34.86 -7.69
N VAL A 125 9.83 -33.67 -7.73
CA VAL A 125 8.93 -33.22 -6.65
C VAL A 125 7.78 -34.20 -6.42
N TYR A 126 7.16 -34.68 -7.50
CA TYR A 126 6.01 -35.56 -7.33
C TYR A 126 6.42 -37.02 -7.17
N GLU A 127 7.72 -37.32 -7.27
CA GLU A 127 8.18 -38.71 -7.23
C GLU A 127 7.42 -39.57 -8.23
N SER A 128 7.29 -39.07 -9.45
CA SER A 128 6.40 -39.67 -10.42
C SER A 128 7.12 -39.82 -11.75
N ASP A 129 6.67 -40.76 -12.57
CA ASP A 129 7.14 -40.87 -13.94
C ASP A 129 6.22 -40.18 -14.95
N GLU A 130 5.09 -39.66 -14.53
CA GLU A 130 4.21 -38.95 -15.45
C GLU A 130 4.85 -37.63 -15.91
N PRO A 131 4.72 -37.28 -17.19
CA PRO A 131 5.29 -36.00 -17.66
C PRO A 131 4.79 -34.84 -16.83
N PHE A 132 5.70 -33.94 -16.46
CA PHE A 132 5.36 -32.80 -15.60
C PHE A 132 4.80 -33.24 -14.26
N GLY A 133 5.14 -34.46 -13.85
CA GLY A 133 4.61 -34.95 -12.57
C GLY A 133 3.12 -35.16 -12.58
N GLY A 134 2.48 -35.19 -13.76
CA GLY A 134 1.04 -35.32 -13.82
C GLY A 134 0.28 -34.00 -13.79
N VAL A 135 0.95 -32.88 -13.59
CA VAL A 135 0.28 -31.58 -13.63
C VAL A 135 -0.17 -31.29 -15.05
N GLN A 136 -1.34 -30.68 -15.20
CA GLN A 136 -1.84 -30.24 -16.50
C GLN A 136 -1.21 -28.89 -16.85
N VAL A 137 -0.71 -28.76 -18.08
CA VAL A 137 0.02 -27.55 -18.49
C VAL A 137 -0.78 -26.86 -19.56
N VAL A 138 -1.04 -25.57 -19.37
CA VAL A 138 -1.73 -24.76 -20.37
C VAL A 138 -0.77 -23.64 -20.74
N MET A 139 -0.39 -23.60 -22.00
CA MET A 139 0.61 -22.67 -22.52
C MET A 139 -0.11 -21.66 -23.40
N PHE A 140 0.25 -20.37 -23.26
CA PHE A 140 -0.34 -19.28 -24.02
C PHE A 140 0.76 -18.58 -24.82
N GLY A 141 0.49 -18.24 -26.07
CA GLY A 141 1.44 -17.42 -26.78
C GLY A 141 1.24 -17.51 -28.28
N ASP A 142 2.25 -17.01 -29.00
CA ASP A 142 2.18 -16.81 -30.46
C ASP A 142 3.58 -17.15 -30.96
N LEU A 143 3.72 -18.30 -31.63
CA LEU A 143 5.05 -18.71 -32.13
C LEU A 143 5.60 -17.76 -33.19
N PHE A 144 4.76 -16.92 -33.78
CA PHE A 144 5.24 -15.95 -34.76
C PHE A 144 5.64 -14.61 -34.16
N GLN A 145 5.74 -14.52 -32.83
CA GLN A 145 6.40 -13.38 -32.17
C GLN A 145 7.82 -13.81 -31.85
N LEU A 146 8.45 -13.32 -30.78
CA LEU A 146 9.88 -13.61 -30.69
C LEU A 146 10.14 -15.06 -30.28
N PRO A 147 11.19 -15.68 -30.85
CA PRO A 147 11.58 -17.02 -30.42
C PRO A 147 12.43 -16.93 -29.16
N PRO A 148 12.81 -18.07 -28.56
CA PRO A 148 13.64 -18.03 -27.35
C PRO A 148 15.01 -17.44 -27.64
N VAL A 149 15.60 -16.81 -26.63
CA VAL A 149 16.93 -16.27 -26.81
C VAL A 149 17.94 -17.39 -26.69
N THR A 150 18.74 -17.59 -27.73
CA THR A 150 19.81 -18.57 -27.63
C THR A 150 21.05 -17.98 -28.29
N LYS A 151 22.21 -18.22 -27.68
CA LYS A 151 23.44 -17.87 -28.37
C LYS A 151 23.90 -19.03 -29.26
N LYS A 152 24.77 -18.69 -30.23
CA LYS A 152 25.25 -19.68 -31.19
C LYS A 152 25.89 -20.87 -30.49
N GLN A 153 26.67 -20.63 -29.44
CA GLN A 153 27.28 -21.76 -28.73
C GLN A 153 26.21 -22.62 -28.08
N GLU A 154 25.18 -22.00 -27.51
CA GLU A 154 24.13 -22.80 -26.87
C GLU A 154 23.39 -23.64 -27.90
N ARG A 155 23.10 -23.07 -29.08
CA ARG A 155 22.44 -23.86 -30.10
C ARG A 155 23.30 -25.05 -30.49
N GLU A 156 24.62 -24.85 -30.54
CA GLU A 156 25.51 -25.95 -30.90
C GLU A 156 25.44 -27.06 -29.85
N ILE A 157 25.51 -26.70 -28.57
CA ILE A 157 25.35 -27.70 -27.52
C ILE A 157 23.99 -28.38 -27.63
N LEU A 158 22.92 -27.60 -27.80
CA LEU A 158 21.58 -28.18 -27.76
C LEU A 158 21.27 -29.05 -28.98
N SER A 159 21.89 -28.76 -30.13
CA SER A 159 21.60 -29.47 -31.38
C SER A 159 21.88 -30.96 -31.30
N ASP A 160 22.71 -31.39 -30.36
CA ASP A 160 22.91 -32.82 -30.16
C ASP A 160 21.68 -33.52 -29.64
N PHE A 161 20.76 -32.81 -29.00
CA PHE A 161 19.59 -33.46 -28.41
C PHE A 161 18.26 -33.00 -28.98
N TYR A 162 18.21 -31.83 -29.62
CA TYR A 162 16.97 -31.19 -30.04
C TYR A 162 17.00 -31.01 -31.53
N ASP A 163 15.88 -31.29 -32.17
CA ASP A 163 15.71 -31.06 -33.61
C ASP A 163 15.38 -29.62 -33.94
N GLY A 164 15.11 -28.80 -32.93
CA GLY A 164 14.94 -27.38 -33.19
C GLY A 164 14.87 -26.68 -31.85
N PHE A 165 14.66 -25.35 -31.87
CA PHE A 165 14.80 -24.56 -30.66
C PHE A 165 13.51 -23.87 -30.23
N PHE A 166 12.35 -24.46 -30.52
CA PHE A 166 11.09 -23.92 -30.02
C PHE A 166 10.53 -24.86 -28.99
N PHE A 167 9.56 -24.36 -28.19
CA PHE A 167 9.10 -25.16 -27.06
C PHE A 167 8.59 -26.53 -27.52
N PHE A 168 7.93 -26.59 -28.69
CA PHE A 168 7.36 -27.87 -29.09
C PHE A 168 8.43 -28.91 -29.46
N ASN A 169 9.70 -28.51 -29.58
CA ASN A 169 10.79 -29.47 -29.76
C ASN A 169 11.20 -30.15 -28.46
N ALA A 170 10.58 -29.85 -27.32
CA ALA A 170 11.01 -30.48 -26.07
C ALA A 170 10.82 -32.00 -26.13
N LEU A 171 11.76 -32.73 -25.49
CA LEU A 171 11.73 -34.19 -25.51
C LEU A 171 10.52 -34.75 -24.77
N VAL A 172 9.96 -33.96 -23.85
CA VAL A 172 8.77 -34.40 -23.14
C VAL A 172 7.61 -34.65 -24.10
N PHE A 173 7.63 -34.04 -25.28
CA PHE A 173 6.51 -34.25 -26.21
C PHE A 173 6.69 -35.51 -27.06
N LYS A 174 7.63 -36.38 -26.70
CA LYS A 174 7.56 -37.78 -27.12
C LYS A 174 6.76 -38.62 -26.13
N ARG A 175 6.53 -38.12 -24.91
CA ARG A 175 5.74 -38.84 -23.90
C ARG A 175 4.38 -38.22 -23.59
N THR A 176 4.12 -36.99 -24.01
CA THR A 176 2.83 -36.36 -23.82
C THR A 176 2.61 -35.45 -25.03
N GLY A 177 1.47 -34.76 -25.06
CA GLY A 177 1.18 -33.87 -26.17
C GLY A 177 0.20 -32.81 -25.75
N PHE A 178 -0.36 -32.09 -26.73
CA PHE A 178 -1.28 -31.00 -26.38
C PHE A 178 -2.25 -30.71 -27.51
N HIS A 179 -3.47 -30.29 -27.13
CA HIS A 179 -4.37 -29.65 -28.09
C HIS A 179 -3.83 -28.27 -28.41
N ILE A 180 -4.12 -27.80 -29.63
CA ILE A 180 -3.91 -26.40 -29.99
C ILE A 180 -5.29 -25.81 -30.22
N VAL A 181 -5.60 -24.73 -29.51
CA VAL A 181 -6.83 -23.99 -29.72
C VAL A 181 -6.40 -22.55 -30.00
N GLU A 182 -7.31 -21.76 -30.60
CA GLU A 182 -6.90 -20.43 -31.00
C GLU A 182 -7.98 -19.40 -30.73
N LEU A 183 -7.54 -18.19 -30.43
CA LEU A 183 -8.41 -17.04 -30.28
C LEU A 183 -8.24 -16.23 -31.54
N THR A 184 -9.33 -15.97 -32.28
CA THR A 184 -9.13 -15.44 -33.63
C THR A 184 -9.68 -14.03 -33.80
N LYS A 185 -10.10 -13.38 -32.73
CA LYS A 185 -10.59 -12.01 -32.78
C LYS A 185 -9.56 -11.08 -32.18
N ILE A 186 -9.15 -10.07 -32.93
CA ILE A 186 -8.18 -9.11 -32.44
C ILE A 186 -8.90 -8.05 -31.63
N PHE A 187 -8.37 -7.74 -30.45
CA PHE A 187 -8.93 -6.67 -29.62
C PHE A 187 -8.04 -5.43 -29.53
N ARG A 188 -6.73 -5.61 -29.49
CA ARG A 188 -5.83 -4.49 -29.23
C ARG A 188 -5.94 -3.42 -30.31
N GLN A 189 -5.89 -3.82 -31.59
CA GLN A 189 -6.10 -2.87 -32.68
C GLN A 189 -7.55 -2.95 -33.15
N THR A 190 -8.02 -1.86 -33.76
CA THR A 190 -9.37 -1.77 -34.32
C THR A 190 -9.39 -1.38 -35.80
N GLU A 191 -8.27 -0.93 -36.38
CA GLU A 191 -8.25 -0.49 -37.78
C GLU A 191 -8.00 -1.69 -38.70
N PRO A 192 -8.95 -2.05 -39.57
CA PRO A 192 -8.81 -3.28 -40.39
C PRO A 192 -7.60 -3.28 -41.30
N GLU A 193 -7.21 -2.14 -41.88
CA GLU A 193 -6.05 -2.21 -42.76
C GLU A 193 -4.75 -2.31 -41.96
N PHE A 194 -4.67 -1.65 -40.81
CA PHE A 194 -3.53 -1.84 -39.93
C PHE A 194 -3.45 -3.30 -39.49
N ILE A 195 -4.58 -3.87 -39.06
CA ILE A 195 -4.61 -5.30 -38.70
C ILE A 195 -4.14 -6.20 -39.84
N ASN A 196 -4.58 -5.94 -41.09
CA ASN A 196 -4.17 -6.78 -42.23
CA ASN A 196 -4.18 -6.84 -42.16
C ASN A 196 -2.66 -6.75 -42.43
N VAL A 197 -2.06 -5.56 -42.32
CA VAL A 197 -0.61 -5.50 -42.53
C VAL A 197 0.14 -6.17 -41.38
N LEU A 198 -0.27 -5.91 -40.14
CA LEU A 198 0.30 -6.68 -39.02
C LEU A 198 0.25 -8.19 -39.32
N ASN A 199 -0.92 -8.71 -39.70
CA ASN A 199 -1.03 -10.15 -39.89
C ASN A 199 -0.10 -10.66 -41.00
N ASN A 200 0.07 -9.88 -42.05
CA ASN A 200 0.89 -10.34 -43.17
C ASN A 200 2.36 -10.17 -42.91
N ILE A 201 2.74 -9.21 -42.07
CA ILE A 201 4.11 -9.22 -41.54
C ILE A 201 4.34 -10.47 -40.70
N ARG A 202 3.39 -10.76 -39.80
CA ARG A 202 3.49 -11.91 -38.90
C ARG A 202 3.72 -13.21 -39.67
N ASN A 203 2.98 -13.43 -40.76
CA ASN A 203 3.07 -14.71 -41.46
C ASN A 203 3.96 -14.65 -42.69
N TYR A 204 4.73 -13.58 -42.84
CA TYR A 204 5.75 -13.40 -43.87
C TYR A 204 5.18 -13.13 -45.26
N GLN A 205 3.87 -12.96 -45.39
CA GLN A 205 3.23 -12.82 -46.69
CA GLN A 205 3.28 -12.83 -46.72
C GLN A 205 3.05 -11.38 -47.14
N VAL A 206 3.50 -10.41 -46.35
CA VAL A 206 3.20 -9.01 -46.70
C VAL A 206 3.83 -8.64 -48.06
N THR A 207 3.15 -7.78 -48.80
CA THR A 207 3.65 -7.27 -50.07
C THR A 207 4.17 -5.84 -49.92
N SER A 208 4.94 -5.39 -50.91
CA SER A 208 5.39 -3.99 -50.97
C SER A 208 4.21 -3.03 -50.89
N ASP A 209 3.13 -3.32 -51.62
CA ASP A 209 1.96 -2.43 -51.61
C ASP A 209 1.30 -2.35 -50.23
N GLU A 210 1.26 -3.47 -49.51
CA GLU A 210 0.67 -3.43 -48.17
C GLU A 210 1.54 -2.61 -47.23
N LEU A 211 2.86 -2.74 -47.35
CA LEU A 211 3.77 -1.98 -46.51
C LEU A 211 3.67 -0.48 -46.75
N ASP A 212 3.14 -0.06 -47.91
CA ASP A 212 2.93 1.38 -48.15
C ASP A 212 2.03 2.01 -47.10
N LEU A 213 1.19 1.23 -46.42
CA LEU A 213 0.36 1.78 -45.37
C LEU A 213 1.21 2.39 -44.25
N LEU A 214 2.44 1.91 -44.09
CA LEU A 214 3.29 2.29 -42.95
C LEU A 214 4.26 3.41 -43.29
N SER A 215 4.14 4.01 -44.48
CA SER A 215 5.11 5.04 -44.89
C SER A 215 5.13 6.21 -43.91
N GLU A 216 3.99 6.59 -43.34
CA GLU A 216 3.94 7.76 -42.45
C GLU A 216 4.63 7.54 -41.10
N LEU A 217 5.13 6.33 -40.81
CA LEU A 217 5.74 6.10 -39.50
C LEU A 217 7.09 6.78 -39.38
N LYS A 218 7.88 6.79 -40.44
CA LYS A 218 9.27 7.16 -40.28
C LYS A 218 9.36 8.64 -39.98
N ASP A 219 10.01 8.97 -38.87
CA ASP A 219 10.26 10.33 -38.44
C ASP A 219 8.96 11.12 -38.31
N ARG A 220 7.86 10.44 -37.96
CA ARG A 220 6.57 11.10 -37.86
C ARG A 220 6.65 12.31 -36.94
N LYS A 221 6.06 13.40 -37.41
CA LYS A 221 5.98 14.64 -36.62
C LYS A 221 5.01 14.46 -35.46
N ILE A 222 5.50 14.69 -34.25
CA ILE A 222 4.59 15.01 -33.14
C ILE A 222 5.26 16.07 -32.25
N ASN A 228 7.00 12.88 -22.96
CA ASN A 228 7.37 11.61 -22.32
C ASN A 228 6.26 10.56 -22.48
N GLU A 229 5.26 10.92 -23.27
CA GLU A 229 4.13 10.05 -23.53
C GLU A 229 4.48 8.92 -24.50
N TYR A 230 5.40 9.16 -25.43
CA TYR A 230 5.79 8.10 -26.36
C TYR A 230 6.78 7.18 -25.71
N ILE A 231 6.49 5.88 -25.76
CA ILE A 231 7.37 4.86 -25.21
C ILE A 231 8.35 4.41 -26.30
N HIS A 232 9.66 4.39 -25.99
CA HIS A 232 10.69 3.88 -26.91
C HIS A 232 10.92 2.38 -26.71
N ILE A 233 10.82 1.62 -27.79
CA ILE A 233 11.06 0.19 -27.81
CA ILE A 233 11.14 0.22 -27.76
C ILE A 233 12.11 -0.07 -28.88
N CYS A 234 13.19 -0.78 -28.54
CA CYS A 234 14.36 -0.91 -29.41
C CYS A 234 14.77 -2.36 -29.61
N THR A 235 15.38 -2.64 -30.77
CA THR A 235 15.90 -3.98 -30.97
C THR A 235 17.07 -4.25 -30.06
N HIS A 236 17.86 -3.20 -29.71
CA HIS A 236 19.17 -3.35 -29.09
C HIS A 236 19.28 -2.64 -27.74
N LYS A 237 19.99 -3.30 -26.82
CA LYS A 237 20.21 -2.73 -25.49
C LYS A 237 21.01 -1.43 -25.54
N ALA A 238 21.99 -1.32 -26.45
CA ALA A 238 22.79 -0.10 -26.56
C ALA A 238 21.92 1.11 -26.87
N ASP A 239 20.92 0.94 -27.74
CA ASP A 239 19.98 2.02 -27.99
C ASP A 239 19.12 2.34 -26.75
N VAL A 240 18.61 1.30 -26.08
CA VAL A 240 17.87 1.47 -24.82
C VAL A 240 18.70 2.33 -23.85
N GLU A 241 19.97 1.99 -23.68
CA GLU A 241 20.81 2.73 -22.74
C GLU A 241 20.97 4.20 -23.11
N LYS A 242 21.10 4.52 -24.40
CA LYS A 242 21.23 5.93 -24.84
C LYS A 242 19.96 6.73 -24.59
N ILE A 243 18.82 6.16 -24.98
CA ILE A 243 17.56 6.86 -24.75
C ILE A 243 17.36 7.09 -23.27
N ASN A 244 17.67 6.08 -22.44
CA ASN A 244 17.47 6.25 -21.00
C ASN A 244 18.39 7.36 -20.46
N ALA A 245 19.63 7.42 -20.94
CA ALA A 245 20.55 8.45 -20.46
C ALA A 245 20.12 9.84 -20.92
N ASP A 246 19.63 9.96 -22.16
CA ASP A 246 19.03 11.21 -22.62
C ASP A 246 17.90 11.65 -21.70
N LYS A 247 16.93 10.76 -21.48
CA LYS A 247 15.80 11.13 -20.66
C LYS A 247 16.21 11.41 -19.22
N LEU A 248 17.26 10.77 -18.73
CA LEU A 248 17.70 11.02 -17.37
C LEU A 248 18.20 12.46 -17.21
N GLY A 249 18.94 12.97 -18.21
CA GLY A 249 19.53 14.31 -18.13
C GLY A 249 20.76 14.36 -17.23
N GLU A 250 21.22 15.59 -16.93
CA GLU A 250 22.33 15.76 -16.00
C GLU A 250 21.98 16.60 -14.78
N GLN A 251 20.70 16.94 -14.58
CA GLN A 251 20.28 17.70 -13.40
C GLN A 251 19.99 16.78 -12.22
N GLU A 252 20.68 17.03 -11.09
CA GLU A 252 20.37 16.41 -9.81
C GLU A 252 20.54 14.89 -9.85
N ILE A 253 21.61 14.47 -10.51
CA ILE A 253 21.92 13.06 -10.72
C ILE A 253 22.70 12.54 -9.53
N ARG A 254 22.36 11.34 -9.11
CA ARG A 254 23.21 10.60 -8.18
C ARG A 254 23.74 9.35 -8.87
N ASN A 255 25.02 9.07 -8.64
CA ASN A 255 25.71 7.93 -9.23
C ASN A 255 26.02 6.92 -8.14
N TYR A 256 25.78 5.63 -8.42
CA TYR A 256 26.11 4.55 -7.50
C TYR A 256 27.00 3.54 -8.20
N ASP A 257 28.23 3.38 -7.71
CA ASP A 257 29.20 2.52 -8.38
C ASP A 257 29.06 1.09 -7.90
N ILE A 258 29.24 0.18 -8.85
CA ILE A 258 29.30 -1.23 -8.54
C ILE A 258 30.58 -1.51 -7.74
N VAL A 259 30.49 -2.47 -6.84
CA VAL A 259 31.63 -3.08 -6.19
C VAL A 259 31.73 -4.51 -6.72
N ILE A 260 32.81 -4.81 -7.45
CA ILE A 260 33.12 -6.15 -7.94
C ILE A 260 34.19 -6.77 -7.03
N LYS A 261 34.03 -8.05 -6.71
CA LYS A 261 34.95 -8.76 -5.81
C LYS A 261 35.44 -10.01 -6.52
N ASP A 262 36.69 -9.97 -7.01
CA ASP A 262 37.41 -11.06 -7.66
C ASP A 262 36.94 -11.30 -9.09
N LYS A 263 36.75 -12.57 -9.44
CA LYS A 263 36.43 -12.94 -10.81
C LYS A 263 34.97 -12.63 -11.11
N PHE A 264 34.73 -11.79 -12.12
CA PHE A 264 33.42 -11.43 -12.62
C PHE A 264 33.62 -10.65 -13.91
N PRO A 265 33.76 -11.33 -15.04
CA PRO A 265 33.85 -10.64 -16.34
C PRO A 265 32.79 -9.55 -16.47
N GLU A 266 33.18 -8.46 -17.11
CA GLU A 266 32.30 -7.30 -17.26
C GLU A 266 31.10 -7.62 -18.15
N SER A 267 31.27 -8.49 -19.15
CA SER A 267 30.18 -8.91 -20.02
C SER A 267 29.23 -9.88 -19.36
N SER A 268 29.56 -10.34 -18.15
CA SER A 268 28.67 -11.19 -17.36
C SER A 268 28.02 -10.44 -16.20
N ILE A 269 28.34 -9.17 -15.99
CA ILE A 269 27.74 -8.47 -14.85
C ILE A 269 26.26 -8.26 -15.13
N PRO A 270 25.36 -8.67 -14.24
CA PRO A 270 23.93 -8.48 -14.50
C PRO A 270 23.40 -7.07 -14.25
N CYS A 271 24.14 -6.18 -13.60
CA CYS A 271 23.59 -4.89 -13.18
C CYS A 271 24.34 -3.74 -13.86
N ASP A 272 23.98 -2.49 -13.50
CA ASP A 272 24.68 -1.32 -14.02
C ASP A 272 26.04 -1.21 -13.35
N LEU A 273 27.07 -0.88 -14.14
CA LEU A 273 28.37 -0.58 -13.53
C LEU A 273 28.30 0.73 -12.77
N HIS A 274 27.68 1.75 -13.36
CA HIS A 274 27.54 3.06 -12.75
C HIS A 274 26.06 3.42 -12.84
N LEU A 275 25.32 3.11 -11.79
CA LEU A 275 23.87 3.34 -11.80
C LEU A 275 23.62 4.82 -11.58
N LYS A 276 22.99 5.48 -12.55
CA LYS A 276 22.74 6.91 -12.49
C LYS A 276 21.24 7.15 -12.41
N LEU A 277 20.83 7.91 -11.39
CA LEU A 277 19.43 8.04 -11.07
C LEU A 277 19.15 9.47 -10.61
N ARG A 278 17.86 9.82 -10.66
CA ARG A 278 17.33 11.05 -10.08
C ARG A 278 15.93 10.78 -9.62
N VAL A 279 15.43 11.65 -8.74
CA VAL A 279 14.02 11.60 -8.36
C VAL A 279 13.19 11.78 -9.61
N GLY A 280 12.14 10.97 -9.76
CA GLY A 280 11.36 10.99 -10.98
C GLY A 280 11.83 9.99 -12.06
N ALA A 281 12.97 9.33 -11.86
CA ALA A 281 13.46 8.41 -12.87
C ALA A 281 12.57 7.16 -12.95
N ARG A 282 12.24 6.74 -14.17
CA ARG A 282 11.51 5.49 -14.46
C ARG A 282 12.47 4.31 -14.35
N VAL A 283 12.18 3.33 -13.48
CA VAL A 283 13.15 2.26 -13.24
C VAL A 283 12.43 0.91 -13.26
N MET A 284 13.24 -0.14 -13.34
CA MET A 284 12.77 -1.51 -13.31
C MET A 284 13.58 -2.28 -12.29
N SER A 285 12.92 -3.14 -11.52
CA SER A 285 13.64 -4.06 -10.67
C SER A 285 14.25 -5.20 -11.49
N LEU A 286 15.47 -5.60 -11.09
CA LEU A 286 16.27 -6.63 -11.72
C LEU A 286 16.19 -7.99 -11.02
N VAL A 287 15.63 -8.08 -9.81
CA VAL A 287 15.67 -9.32 -9.05
C VAL A 287 14.32 -9.56 -8.42
N ASN A 288 14.12 -10.80 -7.95
CA ASN A 288 12.89 -11.21 -7.28
C ASN A 288 13.11 -11.22 -5.76
N ASP A 289 12.16 -10.69 -5.02
CA ASP A 289 12.17 -10.89 -3.58
C ASP A 289 10.72 -10.90 -3.13
N SER A 290 10.12 -12.09 -3.17
CA SER A 290 8.68 -12.18 -2.94
C SER A 290 8.31 -11.72 -1.54
N LEU A 291 9.22 -11.91 -0.57
CA LEU A 291 8.96 -11.41 0.78
C LEU A 291 8.76 -9.91 0.78
N LYS A 292 9.55 -9.17 0.01
CA LYS A 292 9.42 -7.73 -0.05
C LYS A 292 8.43 -7.25 -1.11
N GLY A 293 7.82 -8.17 -1.85
CA GLY A 293 6.82 -7.78 -2.85
C GLY A 293 7.35 -7.30 -4.18
N TYR A 294 8.62 -7.53 -4.50
CA TYR A 294 9.09 -7.11 -5.81
C TYR A 294 9.73 -8.26 -6.58
N TYR A 295 9.74 -8.08 -7.90
CA TYR A 295 10.01 -9.17 -8.83
C TYR A 295 10.72 -8.59 -10.04
N ASN A 296 11.45 -9.46 -10.74
CA ASN A 296 12.18 -9.05 -11.93
C ASN A 296 11.22 -8.46 -12.95
N GLY A 297 11.49 -7.23 -13.39
CA GLY A 297 10.66 -6.59 -14.39
C GLY A 297 9.62 -5.65 -13.84
N MET A 298 9.46 -5.56 -12.51
CA MET A 298 8.47 -4.64 -11.98
C MET A 298 8.91 -3.20 -12.16
N LEU A 299 7.97 -2.34 -12.55
CA LEU A 299 8.28 -0.98 -12.96
C LEU A 299 7.85 0.04 -11.90
N GLY A 300 8.64 1.10 -11.74
CA GLY A 300 8.24 2.15 -10.84
C GLY A 300 8.93 3.46 -11.13
N ILE A 301 8.78 4.40 -10.19
CA ILE A 301 9.35 5.75 -10.29
C ILE A 301 10.15 6.05 -9.01
N VAL A 302 11.41 6.47 -9.17
CA VAL A 302 12.24 6.81 -8.02
C VAL A 302 11.61 8.00 -7.30
N THR A 303 11.38 7.85 -5.98
CA THR A 303 10.89 8.95 -5.14
C THR A 303 11.94 9.51 -4.18
N ALA A 304 12.99 8.77 -3.83
CA ALA A 304 14.05 9.33 -3.02
C ALA A 304 15.33 8.55 -3.24
N LEU A 305 16.46 9.24 -3.15
CA LEU A 305 17.78 8.64 -3.25
C LEU A 305 18.61 8.96 -1.99
N GLU A 306 19.17 7.92 -1.37
CA GLU A 306 20.03 8.04 -0.20
C GLU A 306 21.33 7.28 -0.44
N ASP A 307 22.18 7.27 0.58
CA ASP A 307 23.49 6.59 0.49
C ASP A 307 23.35 5.10 0.19
N ASN A 308 22.42 4.43 0.89
CA ASN A 308 22.30 2.98 0.89
C ASN A 308 20.89 2.51 0.58
N VAL A 309 19.99 3.41 0.20
CA VAL A 309 18.60 3.06 -0.02
C VAL A 309 18.08 3.89 -1.17
N ILE A 310 17.37 3.24 -2.09
CA ILE A 310 16.68 3.93 -3.16
C ILE A 310 15.20 3.64 -2.98
N THR A 311 14.40 4.69 -2.88
CA THR A 311 12.97 4.55 -2.66
C THR A 311 12.25 4.68 -3.99
N VAL A 312 11.40 3.72 -4.30
CA VAL A 312 10.69 3.66 -5.57
C VAL A 312 9.21 3.44 -5.31
N ARG A 313 8.38 4.28 -5.89
CA ARG A 313 6.94 4.01 -5.91
C ARG A 313 6.61 3.16 -7.14
N MET A 314 6.24 1.91 -6.91
CA MET A 314 5.95 1.01 -8.02
C MET A 314 4.63 1.40 -8.70
N ASP A 315 4.52 1.01 -9.98
CA ASP A 315 3.27 1.20 -10.70
C ASP A 315 2.08 0.61 -9.95
N ASN A 316 2.27 -0.49 -9.23
CA ASN A 316 1.16 -1.11 -8.51
C ASN A 316 0.83 -0.38 -7.20
N GLY A 317 1.42 0.80 -6.94
CA GLY A 317 1.13 1.57 -5.74
C GLY A 317 2.01 1.31 -4.53
N ARG A 318 2.71 0.18 -4.48
CA ARG A 318 3.63 -0.11 -3.39
C ARG A 318 4.85 0.78 -3.47
N THR A 319 5.31 1.25 -2.31
CA THR A 319 6.58 1.94 -2.22
C THR A 319 7.59 0.95 -1.68
N ILE A 320 8.71 0.82 -2.37
CA ILE A 320 9.73 -0.14 -1.99
C ILE A 320 11.02 0.59 -1.73
N LYS A 321 11.72 0.16 -0.68
CA LYS A 321 13.03 0.70 -0.34
C LYS A 321 14.07 -0.34 -0.74
N PHE A 322 14.77 -0.07 -1.84
CA PHE A 322 15.77 -0.99 -2.35
C PHE A 322 17.11 -0.73 -1.70
N GLU A 323 17.72 -1.80 -1.21
CA GLU A 323 19.11 -1.80 -0.78
C GLU A 323 19.92 -2.55 -1.82
N ARG A 324 21.22 -2.51 -1.65
CA ARG A 324 22.10 -3.19 -2.59
C ARG A 324 21.92 -4.70 -2.50
N TYR A 325 22.15 -5.35 -3.63
CA TYR A 325 21.99 -6.79 -3.80
C TYR A 325 23.34 -7.33 -4.24
N THR A 326 23.63 -8.57 -3.87
CA THR A 326 24.90 -9.21 -4.22
C THR A 326 24.67 -10.43 -5.11
N TRP A 327 25.19 -10.38 -6.33
CA TRP A 327 25.17 -11.51 -7.23
C TRP A 327 26.44 -12.34 -7.03
N SER A 328 26.33 -13.65 -7.31
CA SER A 328 27.47 -14.55 -7.30
C SER A 328 27.77 -15.03 -8.71
N ASN A 329 29.06 -15.11 -9.05
CA ASN A 329 29.51 -15.80 -10.26
C ASN A 329 30.28 -17.05 -9.84
N THR A 330 29.78 -18.20 -10.28
CA THR A 330 30.20 -19.49 -9.74
C THR A 330 30.86 -20.42 -10.76
N GLU A 342 32.68 -21.42 -8.01
CA GLU A 342 31.70 -22.10 -7.15
C GLU A 342 31.98 -21.99 -5.65
N GLU A 343 31.99 -20.78 -5.07
CA GLU A 343 31.77 -19.50 -5.76
C GLU A 343 33.09 -18.73 -5.82
N ILE A 344 33.35 -18.06 -6.93
CA ILE A 344 34.65 -17.42 -7.15
C ILE A 344 34.61 -15.91 -6.92
N GLY A 345 33.61 -15.22 -7.45
CA GLY A 345 33.56 -13.78 -7.35
C GLY A 345 32.13 -13.27 -7.28
N SER A 346 32.00 -12.02 -6.83
CA SER A 346 30.68 -11.44 -6.61
C SER A 346 30.70 -9.95 -6.96
N CYS A 347 29.50 -9.39 -7.12
CA CYS A 347 29.32 -7.98 -7.39
C CYS A 347 28.08 -7.48 -6.64
N THR A 348 28.15 -6.24 -6.15
CA THR A 348 27.10 -5.68 -5.31
C THR A 348 26.66 -4.33 -5.87
N GLN A 349 25.34 -4.14 -5.98
CA GLN A 349 24.77 -2.99 -6.65
C GLN A 349 23.27 -3.00 -6.40
N PHE A 350 22.67 -1.81 -6.44
CA PHE A 350 21.22 -1.75 -6.36
C PHE A 350 20.60 -2.50 -7.54
N PRO A 351 19.60 -3.31 -7.31
CA PRO A 351 19.02 -4.13 -8.40
C PRO A 351 17.96 -3.39 -9.19
N LEU A 352 18.37 -2.25 -9.76
CA LEU A 352 17.49 -1.35 -10.49
C LEU A 352 18.18 -0.89 -11.76
N THR A 353 17.38 -0.57 -12.77
CA THR A 353 17.92 -0.03 -14.01
C THR A 353 16.87 0.88 -14.61
N LEU A 354 17.32 1.87 -15.37
CA LEU A 354 16.37 2.80 -15.97
C LEU A 354 15.48 2.06 -16.97
N ALA A 355 14.27 2.60 -17.21
CA ALA A 355 13.30 1.82 -17.97
C ALA A 355 12.27 2.69 -18.66
N TRP A 356 12.60 3.94 -18.99
CA TRP A 356 11.75 4.65 -19.95
C TRP A 356 11.72 3.89 -21.26
N ALA A 357 12.90 3.51 -21.74
CA ALA A 357 13.09 2.72 -22.96
C ALA A 357 13.27 1.25 -22.58
N ILE A 358 12.80 0.34 -23.45
CA ILE A 358 12.95 -1.08 -23.20
C ILE A 358 13.23 -1.79 -24.53
N THR A 359 13.75 -2.99 -24.43
CA THR A 359 13.94 -3.76 -25.66
C THR A 359 12.60 -4.28 -26.17
N ILE A 360 12.57 -4.63 -27.46
CA ILE A 360 11.39 -5.27 -28.00
C ILE A 360 11.15 -6.59 -27.31
N HIS A 361 12.21 -7.33 -26.95
CA HIS A 361 12.01 -8.58 -26.20
C HIS A 361 11.24 -8.33 -24.90
N LYS A 362 11.58 -7.24 -24.20
CA LYS A 362 10.87 -6.90 -22.96
C LYS A 362 9.47 -6.35 -23.24
N SER A 363 9.23 -5.78 -24.42
CA SER A 363 7.91 -5.23 -24.69
C SER A 363 6.89 -6.33 -25.00
N GLN A 364 7.35 -7.54 -25.35
CA GLN A 364 6.40 -8.57 -25.79
C GLN A 364 5.43 -8.90 -24.67
N GLY A 365 4.13 -8.73 -24.94
CA GLY A 365 3.09 -8.89 -23.94
C GLY A 365 2.40 -7.58 -23.56
N LEU A 366 3.03 -6.43 -23.77
CA LEU A 366 2.51 -5.12 -23.34
C LEU A 366 1.74 -4.44 -24.46
N THR A 367 0.88 -3.48 -24.06
CA THR A 367 0.09 -2.65 -24.95
C THR A 367 0.42 -1.19 -24.65
N PHE A 368 0.50 -0.36 -25.70
CA PHE A 368 0.82 1.05 -25.56
C PHE A 368 -0.09 1.84 -26.48
N ASP A 369 -0.32 3.11 -26.14
CA ASP A 369 -1.00 4.02 -27.04
C ASP A 369 -0.06 4.73 -27.99
N LYS A 370 1.18 5.01 -27.59
CA LYS A 370 2.11 5.80 -28.39
C LYS A 370 3.51 5.24 -28.23
N ILE A 371 4.16 4.93 -29.34
CA ILE A 371 5.46 4.29 -29.29
C ILE A 371 6.37 4.87 -30.35
N ILE A 372 7.65 4.83 -30.03
CA ILE A 372 8.73 5.08 -30.99
C ILE A 372 9.52 3.79 -31.09
N ILE A 373 9.56 3.19 -32.28
CA ILE A 373 10.27 1.91 -32.42
C ILE A 373 11.59 2.14 -33.12
N HIS A 374 12.63 1.45 -32.66
CA HIS A 374 13.98 1.58 -33.24
C HIS A 374 14.27 0.21 -33.85
N VAL A 375 13.97 0.09 -35.13
CA VAL A 375 14.05 -1.20 -35.81
C VAL A 375 14.93 -1.11 -37.06
N SER A 376 15.79 -0.06 -37.14
CA SER A 376 16.68 0.03 -38.28
C SER A 376 17.54 -1.23 -38.41
N HIS A 377 17.79 -1.94 -37.32
CA HIS A 377 18.43 -3.25 -37.40
C HIS A 377 17.62 -4.29 -36.62
N THR A 378 16.89 -5.12 -37.32
CA THR A 378 16.23 -6.26 -36.71
C THR A 378 17.03 -7.51 -37.00
N PHE A 379 16.99 -8.44 -36.09
CA PHE A 379 17.84 -9.62 -36.23
C PHE A 379 17.16 -10.88 -35.73
N CYS A 380 15.90 -10.83 -35.24
CA CYS A 380 15.11 -12.00 -34.82
C CYS A 380 13.84 -12.14 -35.66
N PRO A 381 13.43 -13.37 -36.01
CA PRO A 381 12.06 -13.59 -36.50
C PRO A 381 11.07 -13.01 -35.49
N GLY A 382 10.03 -12.38 -36.00
CA GLY A 382 8.99 -11.86 -35.13
C GLY A 382 9.31 -10.54 -34.47
N GLN A 383 10.53 -10.04 -34.59
CA GLN A 383 10.91 -8.82 -33.85
C GLN A 383 10.16 -7.61 -34.36
N LEU A 384 10.15 -7.39 -35.68
CA LEU A 384 9.40 -6.28 -36.25
C LEU A 384 7.91 -6.41 -35.92
N TYR A 385 7.37 -7.62 -36.04
CA TYR A 385 5.94 -7.82 -35.76
C TYR A 385 5.60 -7.47 -34.31
N VAL A 386 6.41 -7.92 -33.36
CA VAL A 386 6.12 -7.57 -31.96
C VAL A 386 6.15 -6.05 -31.79
N ALA A 387 7.14 -5.37 -32.38
CA ALA A 387 7.27 -3.92 -32.20
C ALA A 387 6.04 -3.18 -32.71
N LEU A 388 5.61 -3.47 -33.93
CA LEU A 388 4.44 -2.79 -34.47
C LEU A 388 3.15 -3.14 -33.72
N SER A 389 3.02 -4.40 -33.27
CA SER A 389 1.75 -4.85 -32.71
C SER A 389 1.57 -4.44 -31.26
N ARG A 390 2.52 -3.71 -30.67
CA ARG A 390 2.33 -3.21 -29.30
C ARG A 390 1.31 -2.09 -29.25
N CYS A 391 1.05 -1.43 -30.36
CA CYS A 391 0.36 -0.13 -30.35
C CYS A 391 -1.09 -0.31 -30.72
N ARG A 392 -1.98 0.42 -30.01
CA ARG A 392 -3.41 0.27 -30.32
C ARG A 392 -3.78 0.86 -31.66
N THR A 393 -3.07 1.90 -32.15
CA THR A 393 -3.44 2.50 -33.44
C THR A 393 -2.21 2.73 -34.32
N LEU A 394 -2.45 2.82 -35.63
CA LEU A 394 -1.34 3.12 -36.54
C LEU A 394 -0.75 4.50 -36.27
N GLU A 395 -1.61 5.50 -36.05
CA GLU A 395 -1.10 6.87 -35.86
C GLU A 395 -0.21 6.99 -34.62
N GLY A 396 -0.39 6.11 -33.63
CA GLY A 396 0.47 6.20 -32.48
C GLY A 396 1.87 5.67 -32.65
N ILE A 397 2.27 5.13 -33.82
CA ILE A 397 3.62 4.59 -34.01
C ILE A 397 4.49 5.61 -34.74
N VAL A 398 5.68 5.85 -34.20
CA VAL A 398 6.79 6.50 -34.90
C VAL A 398 7.94 5.50 -35.04
N SER A 399 8.63 5.55 -36.17
CA SER A 399 9.73 4.64 -36.46
C SER A 399 10.99 5.43 -36.78
N ASP A 400 12.17 4.85 -36.48
CA ASP A 400 13.44 5.43 -36.94
C ASP A 400 13.76 5.07 -38.38
N ALA A 401 13.01 4.15 -39.00
CA ALA A 401 13.38 3.65 -40.31
C ALA A 401 12.11 3.29 -41.08
N PHE A 402 12.19 3.37 -42.41
CA PHE A 402 11.10 2.84 -43.22
C PHE A 402 11.00 1.35 -42.95
N ILE A 403 9.76 0.83 -42.92
CA ILE A 403 9.52 -0.59 -42.66
C ILE A 403 9.63 -1.33 -43.98
N THR A 404 10.53 -2.31 -44.06
CA THR A 404 10.79 -3.03 -45.30
C THR A 404 10.68 -4.55 -45.09
N LYS A 405 10.53 -5.28 -46.22
CA LYS A 405 10.57 -6.74 -46.18
C LYS A 405 11.87 -7.29 -45.64
N GLN A 406 12.99 -6.55 -45.77
CA GLN A 406 14.23 -7.06 -45.19
C GLN A 406 14.20 -7.16 -43.66
N MET A 407 13.26 -6.51 -42.99
CA MET A 407 13.17 -6.65 -41.54
C MET A 407 12.52 -7.97 -41.12
N ILE A 408 11.96 -8.69 -42.07
CA ILE A 408 11.22 -9.91 -41.79
C ILE A 408 12.15 -11.08 -42.00
N ILE A 409 12.20 -11.96 -41.02
CA ILE A 409 13.10 -13.10 -41.04
C ILE A 409 12.26 -14.35 -40.89
N PRO A 410 12.07 -15.15 -41.94
CA PRO A 410 11.19 -16.32 -41.83
C PRO A 410 11.81 -17.43 -41.02
N GLU A 411 10.97 -18.18 -40.30
CA GLU A 411 11.40 -19.37 -39.60
C GLU A 411 10.55 -20.52 -40.14
N TYR A 412 11.04 -21.26 -41.15
CA TYR A 412 10.16 -22.24 -41.81
C TYR A 412 9.81 -23.44 -40.94
N ALA A 413 10.56 -23.68 -39.86
CA ALA A 413 10.15 -24.73 -38.94
C ALA A 413 8.80 -24.42 -38.30
N LEU A 414 8.39 -23.14 -38.26
CA LEU A 414 7.07 -22.83 -37.73
C LEU A 414 5.98 -23.14 -38.73
N ILE A 415 6.27 -22.91 -40.03
CA ILE A 415 5.35 -23.35 -41.08
C ILE A 415 5.13 -24.84 -40.99
N ASP A 416 6.21 -25.61 -40.84
CA ASP A 416 6.09 -27.07 -40.70
C ASP A 416 5.23 -27.45 -39.51
N PHE A 417 5.48 -26.80 -38.37
CA PHE A 417 4.74 -27.12 -37.15
C PHE A 417 3.24 -26.88 -37.32
N GLU A 418 2.84 -25.70 -37.84
CA GLU A 418 1.40 -25.44 -38.00
C GLU A 418 0.79 -26.39 -39.01
N ARG A 419 1.50 -26.66 -40.11
CA ARG A 419 1.01 -27.67 -41.05
C ARG A 419 0.82 -29.01 -40.36
N ALA A 420 1.74 -29.41 -39.47
CA ALA A 420 1.62 -30.71 -38.81
C ALA A 420 0.40 -30.76 -37.92
N TYR A 421 0.23 -29.80 -37.00
CA TYR A 421 -0.89 -29.97 -36.09
C TYR A 421 -2.21 -29.69 -36.79
N LYS A 422 -2.25 -28.76 -37.73
CA LYS A 422 -3.54 -28.49 -38.37
C LYS A 422 -4.02 -29.69 -39.18
N SER A 423 -3.11 -30.48 -39.72
CA SER A 423 -3.52 -31.62 -40.51
C SER A 423 -3.68 -32.88 -39.67
N GLU A 424 -3.39 -32.85 -38.38
CA GLU A 424 -3.46 -34.03 -37.50
C GLU A 424 -4.38 -33.76 -36.31
N GLY A 425 -5.50 -33.11 -36.59
CA GLY A 425 -6.53 -32.95 -35.59
C GLY A 425 -6.27 -31.87 -34.55
N ASN A 426 -5.42 -30.87 -34.85
CA ASN A 426 -5.10 -29.79 -33.89
C ASN A 426 -4.57 -30.38 -32.59
N TYR A 427 -3.64 -31.28 -32.73
CA TYR A 427 -3.00 -31.95 -31.61
C TYR A 427 -1.56 -32.16 -32.04
N TYR A 428 -0.62 -32.00 -31.11
CA TYR A 428 0.80 -32.20 -31.41
C TYR A 428 1.41 -33.02 -30.29
N GLY A 429 2.31 -33.94 -30.64
CA GLY A 429 2.99 -34.77 -29.66
C GLY A 429 2.32 -36.12 -29.50
N LYS A 430 2.70 -36.78 -28.42
CA LYS A 430 2.21 -38.14 -28.16
C LYS A 430 0.74 -38.15 -27.81
N ARG A 431 -0.07 -38.89 -28.57
CA ARG A 431 -1.49 -39.00 -28.27
C ARG A 431 -1.66 -40.02 -27.16
N LEU A 432 -2.53 -39.72 -26.19
CA LEU A 432 -2.56 -40.54 -24.98
C LEU A 432 -3.82 -41.42 -24.87
N MET D 1 -15.65 -8.12 13.88
CA MET D 1 -14.92 -7.43 14.94
C MET D 1 -14.17 -8.39 15.87
N GLU D 2 -14.56 -8.30 17.14
CA GLU D 2 -13.91 -8.83 18.33
C GLU D 2 -14.95 -8.66 19.43
N ASP D 3 -14.97 -9.58 20.39
CA ASP D 3 -16.01 -9.57 21.41
C ASP D 3 -15.66 -8.60 22.53
N MET D 4 -16.62 -7.79 22.94
CA MET D 4 -16.42 -6.93 24.09
C MET D 4 -16.52 -7.77 25.37
N ILE D 5 -15.48 -7.74 26.20
CA ILE D 5 -15.46 -8.43 27.48
C ILE D 5 -15.98 -7.47 28.55
N LEU D 6 -17.06 -7.85 29.22
CA LEU D 6 -17.61 -7.00 30.28
C LEU D 6 -16.95 -7.46 31.57
N THR D 7 -16.01 -6.68 32.11
CA THR D 7 -15.28 -7.19 33.27
C THR D 7 -16.06 -6.91 34.55
N GLU D 8 -15.61 -7.52 35.65
CA GLU D 8 -16.27 -7.28 36.93
C GLU D 8 -16.10 -5.82 37.36
N GLU D 9 -14.93 -5.23 37.09
CA GLU D 9 -14.77 -3.79 37.33
C GLU D 9 -15.83 -2.98 36.61
N MET D 10 -16.05 -3.28 35.32
CA MET D 10 -17.04 -2.51 34.55
C MET D 10 -18.44 -2.65 35.14
N GLN D 11 -18.83 -3.87 35.49
CA GLN D 11 -20.15 -4.09 36.10
C GLN D 11 -20.32 -3.28 37.38
N LYS D 12 -19.29 -3.25 38.25
CA LYS D 12 -19.37 -2.50 39.50
C LYS D 12 -19.51 -1.00 39.27
N ILE D 13 -18.86 -0.50 38.22
CA ILE D 13 -18.92 0.92 37.94
C ILE D 13 -20.29 1.28 37.36
N MET D 14 -20.83 0.43 36.49
CA MET D 14 -22.19 0.65 36.01
C MET D 14 -23.17 0.69 37.16
N ASN D 15 -22.99 -0.21 38.12
CA ASN D 15 -23.96 -0.25 39.21
C ASN D 15 -23.81 0.96 40.13
N LEU D 16 -22.56 1.39 40.39
CA LEU D 16 -22.30 2.63 41.09
C LEU D 16 -23.02 3.82 40.46
N ILE D 17 -22.82 4.00 39.15
CA ILE D 17 -23.37 5.18 38.48
C ILE D 17 -24.89 5.16 38.53
N GLN D 18 -25.48 3.98 38.45
CA GLN D 18 -26.93 3.89 38.52
C GLN D 18 -27.46 4.02 39.95
N ASP D 19 -26.73 3.55 40.96
CA ASP D 19 -27.24 3.58 42.33
C ASP D 19 -26.86 4.85 43.09
N ASP D 20 -25.86 5.58 42.63
CA ASP D 20 -25.28 6.69 43.38
C ASP D 20 -25.19 7.87 42.43
N GLU D 21 -25.83 8.99 42.80
CA GLU D 21 -25.86 10.17 41.90
C GLU D 21 -24.55 10.96 41.91
N ASN D 22 -23.57 10.57 42.70
CA ASN D 22 -22.32 11.30 42.73
C ASN D 22 -21.66 11.30 41.35
N ASN D 23 -20.92 12.37 41.05
CA ASN D 23 -20.04 12.38 39.88
C ASN D 23 -18.96 11.32 39.99
N VAL D 24 -18.42 10.92 38.84
CA VAL D 24 -17.49 9.81 38.78
C VAL D 24 -16.41 10.13 37.76
N PHE D 25 -15.16 9.87 38.14
CA PHE D 25 -14.00 9.87 37.23
C PHE D 25 -13.64 8.40 36.98
N VAL D 26 -13.80 7.93 35.73
CA VAL D 26 -13.44 6.56 35.37
C VAL D 26 -12.05 6.62 34.74
N THR D 27 -11.05 6.02 35.38
CA THR D 27 -9.72 6.19 34.81
C THR D 27 -9.10 4.81 34.57
N GLY D 28 -7.86 4.80 34.11
CA GLY D 28 -7.16 3.58 33.76
C GLY D 28 -6.14 3.90 32.68
N LYS D 29 -5.20 3.01 32.48
CA LYS D 29 -4.12 3.29 31.54
C LYS D 29 -4.63 3.30 30.09
N ALA D 30 -3.76 3.67 29.16
CA ALA D 30 -4.11 3.63 27.75
C ALA D 30 -4.62 2.25 27.36
N GLY D 31 -5.72 2.21 26.60
CA GLY D 31 -6.15 0.92 26.05
C GLY D 31 -6.75 -0.02 27.06
N SER D 32 -7.23 0.50 28.19
CA SER D 32 -7.91 -0.33 29.17
C SER D 32 -9.43 -0.37 28.93
N GLY D 33 -9.88 0.11 27.79
CA GLY D 33 -11.28 -0.01 27.47
C GLY D 33 -12.18 1.08 28.04
N LYS D 34 -11.63 2.26 28.34
CA LYS D 34 -12.46 3.34 28.91
C LYS D 34 -13.50 3.83 27.91
N THR D 35 -13.08 4.13 26.68
CA THR D 35 -14.04 4.63 25.69
C THR D 35 -15.01 3.51 25.26
N THR D 36 -14.51 2.31 25.12
CA THR D 36 -15.39 1.19 24.80
C THR D 36 -16.46 1.04 25.88
N PHE D 37 -16.05 1.14 27.15
CA PHE D 37 -16.98 0.99 28.26
C PHE D 37 -17.95 2.17 28.33
N LEU D 38 -17.43 3.38 28.15
CA LEU D 38 -18.29 4.56 28.00
C LEU D 38 -19.48 4.27 27.05
N LYS D 39 -19.17 3.77 25.85
CA LYS D 39 -20.23 3.50 24.87
C LYS D 39 -21.18 2.42 25.35
N TYR D 40 -20.67 1.42 26.05
CA TYR D 40 -21.53 0.39 26.63
C TYR D 40 -22.47 1.00 27.68
N LEU D 41 -21.88 1.72 28.64
CA LEU D 41 -22.63 2.42 29.70
C LEU D 41 -23.80 3.20 29.13
N ILE D 42 -23.54 4.00 28.09
CA ILE D 42 -24.61 4.80 27.51
C ILE D 42 -25.68 3.92 26.90
N GLU D 43 -25.24 2.87 26.21
CA GLU D 43 -26.20 2.00 25.53
C GLU D 43 -27.09 1.30 26.54
N LYS D 44 -26.51 0.87 27.67
CA LYS D 44 -27.26 0.11 28.64
C LYS D 44 -27.98 0.97 29.67
N SER D 45 -27.52 2.20 29.88
CA SER D 45 -28.16 3.10 30.83
C SER D 45 -29.55 3.50 30.35
N GLY D 46 -30.49 3.54 31.26
CA GLY D 46 -31.76 4.15 30.89
C GLY D 46 -31.78 5.66 30.90
N LYS D 47 -30.67 6.29 31.28
CA LYS D 47 -30.66 7.73 31.42
C LYS D 47 -30.43 8.42 30.09
N ASN D 48 -30.89 9.66 29.98
CA ASN D 48 -30.59 10.49 28.81
C ASN D 48 -29.16 11.03 28.94
N CYS D 49 -28.28 10.59 28.05
CA CYS D 49 -26.84 10.86 28.15
C CYS D 49 -26.39 11.72 26.99
N ILE D 50 -25.52 12.68 27.26
CA ILE D 50 -24.86 13.46 26.21
C ILE D 50 -23.35 13.26 26.34
N VAL D 51 -22.69 12.94 25.23
CA VAL D 51 -21.25 12.62 25.22
C VAL D 51 -20.48 13.79 24.62
N ALA D 52 -19.38 14.15 25.24
CA ALA D 52 -18.54 15.19 24.67
C ALA D 52 -17.08 14.90 25.01
N ALA D 53 -16.19 15.59 24.30
CA ALA D 53 -14.76 15.37 24.42
C ALA D 53 -14.07 16.68 24.03
N PRO D 54 -12.80 16.87 24.44
CA PRO D 54 -12.18 18.18 24.14
C PRO D 54 -11.73 18.32 22.70
N THR D 55 -11.34 17.24 22.01
CA THR D 55 -10.92 17.34 20.62
C THR D 55 -11.95 16.69 19.70
N GLY D 56 -11.96 17.12 18.43
CA GLY D 56 -12.91 16.56 17.49
C GLY D 56 -12.71 15.07 17.28
N ILE D 57 -11.45 14.64 17.15
CA ILE D 57 -11.17 13.21 16.97
C ILE D 57 -11.67 12.41 18.17
N ALA D 58 -11.35 12.87 19.37
CA ALA D 58 -11.80 12.10 20.55
C ALA D 58 -13.32 12.09 20.65
N ALA D 59 -13.96 13.21 20.32
CA ALA D 59 -15.42 13.26 20.34
C ALA D 59 -16.02 12.24 19.39
N ILE D 60 -15.55 12.22 18.13
CA ILE D 60 -16.03 11.23 17.16
C ILE D 60 -15.84 9.84 17.70
N ASN D 61 -14.65 9.57 18.23
CA ASN D 61 -14.31 8.24 18.71
C ASN D 61 -15.25 7.80 19.81
N ALA D 62 -15.73 8.72 20.62
CA ALA D 62 -16.66 8.40 21.71
C ALA D 62 -18.12 8.50 21.28
N GLY D 63 -18.41 8.94 20.05
CA GLY D 63 -19.78 9.09 19.61
C GLY D 63 -20.44 10.36 20.05
N GLY D 64 -19.68 11.41 20.35
CA GLY D 64 -20.24 12.68 20.78
C GLY D 64 -19.70 13.83 19.97
N VAL D 65 -19.69 15.00 20.58
CA VAL D 65 -19.27 16.27 20.00
C VAL D 65 -18.24 16.92 20.91
N THR D 66 -17.58 17.96 20.41
CA THR D 66 -16.62 18.68 21.25
C THR D 66 -17.35 19.43 22.35
N LEU D 67 -16.66 19.67 23.47
CA LEU D 67 -17.23 20.50 24.52
C LEU D 67 -17.51 21.92 24.03
N HIS D 68 -16.61 22.48 23.21
CA HIS D 68 -16.79 23.86 22.75
C HIS D 68 -18.06 23.99 21.93
N SER D 69 -18.34 23.01 21.09
CA SER D 69 -19.55 23.03 20.28
C SER D 69 -20.78 22.79 21.15
N LEU D 70 -20.73 21.76 21.99
CA LEU D 70 -21.87 21.45 22.86
C LEU D 70 -22.25 22.67 23.69
N PHE D 71 -21.28 23.32 24.32
CA PHE D 71 -21.63 24.36 25.28
C PHE D 71 -21.36 25.77 24.77
N GLY D 72 -21.01 25.93 23.49
CA GLY D 72 -20.77 27.27 22.98
C GLY D 72 -19.66 28.02 23.70
N ILE D 73 -18.53 27.38 23.91
CA ILE D 73 -17.45 27.94 24.71
C ILE D 73 -16.55 28.77 23.81
N PRO D 74 -16.18 29.99 24.19
CA PRO D 74 -15.25 30.76 23.37
C PRO D 74 -13.82 30.24 23.51
N PHE D 75 -12.94 30.74 22.64
CA PHE D 75 -11.54 30.34 22.72
C PHE D 75 -10.83 31.20 23.77
N GLY D 76 -9.71 30.71 24.25
CA GLY D 76 -8.97 31.50 25.20
C GLY D 76 -9.48 31.33 26.62
N PRO D 77 -8.70 31.78 27.58
CA PRO D 77 -9.02 31.47 28.98
C PRO D 77 -10.24 32.25 29.47
N ILE D 78 -11.02 31.60 30.34
CA ILE D 78 -12.24 32.17 30.91
C ILE D 78 -12.04 32.25 32.40
N THR D 79 -12.08 33.47 32.96
CA THR D 79 -11.97 33.57 34.40
C THR D 79 -13.36 33.69 35.00
N PRO D 80 -13.51 33.50 36.31
CA PRO D 80 -14.82 33.75 36.93
C PRO D 80 -15.30 35.18 36.72
N TYR D 81 -14.38 36.11 36.49
CA TYR D 81 -14.77 37.50 36.33
C TYR D 81 -15.26 37.80 34.92
N ASP D 82 -15.10 36.86 33.98
CA ASP D 82 -15.56 37.09 32.62
C ASP D 82 -17.04 36.81 32.51
N ARG D 83 -17.75 37.67 31.77
CA ARG D 83 -19.17 37.45 31.57
C ARG D 83 -19.39 36.51 30.38
N LEU D 84 -20.27 35.55 30.57
CA LEU D 84 -20.58 34.63 29.49
C LEU D 84 -21.76 35.16 28.71
N GLU D 85 -21.72 35.00 27.39
CA GLU D 85 -22.86 35.25 26.53
C GLU D 85 -23.57 33.91 26.36
N ASN D 86 -24.71 33.75 27.01
CA ASN D 86 -25.44 32.49 26.94
C ASN D 86 -26.47 32.58 25.82
N LYS D 87 -25.98 32.33 24.61
CA LYS D 87 -26.81 32.36 23.42
C LYS D 87 -27.09 30.94 22.91
N PHE D 88 -27.85 30.17 23.68
CA PHE D 88 -28.28 28.86 23.27
C PHE D 88 -29.62 28.97 22.52
N SER D 89 -29.72 28.24 21.42
CA SER D 89 -31.00 28.04 20.78
C SER D 89 -31.96 27.30 21.71
N GLU D 90 -33.24 27.28 21.32
CA GLU D 90 -34.23 26.55 22.08
C GLU D 90 -34.04 25.05 21.94
N TYR D 91 -33.59 24.60 20.77
CA TYR D 91 -33.23 23.21 20.65
C TYR D 91 -32.12 22.83 21.65
N LYS D 92 -31.11 23.70 21.79
CA LYS D 92 -29.98 23.35 22.66
C LYS D 92 -30.38 23.47 24.14
N VAL D 93 -31.19 24.47 24.50
CA VAL D 93 -31.70 24.53 25.85
C VAL D 93 -32.46 23.25 26.20
N GLU D 94 -33.34 22.80 25.28
CA GLU D 94 -34.12 21.60 25.55
C GLU D 94 -33.24 20.37 25.68
N LEU D 95 -32.26 20.24 24.78
CA LEU D 95 -31.31 19.15 24.86
C LEU D 95 -30.61 19.11 26.22
N LEU D 96 -30.15 20.27 26.71
CA LEU D 96 -29.40 20.30 27.97
C LEU D 96 -30.30 20.00 29.17
N LEU D 97 -31.57 20.44 29.11
CA LEU D 97 -32.52 20.17 30.20
C LEU D 97 -32.95 18.72 30.26
N LYS D 98 -33.07 18.06 29.10
CA LYS D 98 -33.40 16.63 29.05
C LYS D 98 -32.26 15.77 29.55
N MET D 99 -31.02 16.23 29.32
CA MET D 99 -29.84 15.47 29.72
C MET D 99 -29.91 15.13 31.18
N GLU D 100 -29.65 13.86 31.51
CA GLU D 100 -29.50 13.46 32.90
C GLU D 100 -28.07 13.11 33.27
N LEU D 101 -27.25 12.79 32.30
CA LEU D 101 -25.87 12.36 32.54
C LEU D 101 -25.00 13.04 31.50
N LEU D 102 -24.02 13.81 31.94
CA LEU D 102 -23.09 14.43 31.02
C LEU D 102 -21.83 13.57 31.03
N ILE D 103 -21.44 13.08 29.87
CA ILE D 103 -20.34 12.12 29.76
C ILE D 103 -19.23 12.85 29.00
N ILE D 104 -18.04 12.92 29.60
CA ILE D 104 -16.91 13.61 28.99
C ILE D 104 -15.78 12.62 28.84
N ASP D 105 -15.33 12.41 27.60
CA ASP D 105 -14.20 11.52 27.40
C ASP D 105 -12.93 12.35 27.27
N GLU D 106 -11.79 11.66 27.35
CA GLU D 106 -10.44 12.28 27.37
C GLU D 106 -10.38 13.51 28.28
N ILE D 107 -10.79 13.32 29.53
CA ILE D 107 -10.88 14.42 30.48
C ILE D 107 -9.51 15.04 30.75
N SER D 108 -8.42 14.29 30.56
CA SER D 108 -7.09 14.85 30.85
C SER D 108 -6.81 16.10 30.05
N MET D 109 -7.40 16.24 28.86
CA MET D 109 -7.16 17.42 28.03
C MET D 109 -8.16 18.54 28.28
N VAL D 110 -8.99 18.44 29.32
CA VAL D 110 -10.00 19.45 29.61
C VAL D 110 -9.43 20.42 30.67
N ARG D 111 -9.31 21.70 30.32
CA ARG D 111 -8.79 22.70 31.28
C ARG D 111 -9.79 22.95 32.41
N PRO D 112 -9.33 23.32 33.60
CA PRO D 112 -10.30 23.56 34.69
C PRO D 112 -11.26 24.70 34.41
N ASP D 113 -10.83 25.73 33.65
CA ASP D 113 -11.78 26.82 33.37
C ASP D 113 -12.83 26.41 32.35
N ILE D 114 -12.54 25.41 31.52
CA ILE D 114 -13.58 24.82 30.68
C ILE D 114 -14.64 24.15 31.54
N LEU D 115 -14.22 23.34 32.53
CA LEU D 115 -15.20 22.71 33.39
C LEU D 115 -15.99 23.76 34.18
N ASP D 116 -15.33 24.83 34.66
CA ASP D 116 -16.10 25.86 35.39
C ASP D 116 -17.07 26.58 34.48
N THR D 117 -16.67 26.82 33.23
CA THR D 117 -17.58 27.45 32.29
C THR D 117 -18.80 26.57 32.08
N ILE D 118 -18.60 25.26 31.97
CA ILE D 118 -19.72 24.35 31.80
C ILE D 118 -20.62 24.36 33.02
N ASP D 119 -20.03 24.34 34.22
CA ASP D 119 -20.85 24.49 35.42
C ASP D 119 -21.69 25.77 35.39
N ARG D 120 -21.08 26.89 35.03
CA ARG D 120 -21.82 28.15 35.06
C ARG D 120 -22.96 28.13 34.04
N LYS D 121 -22.68 27.65 32.83
CA LYS D 121 -23.70 27.62 31.79
C LYS D 121 -24.85 26.69 32.14
N LEU D 122 -24.57 25.55 32.79
CA LEU D 122 -25.67 24.66 33.13
C LEU D 122 -26.50 25.21 34.28
N ARG D 123 -25.85 25.88 35.22
CA ARG D 123 -26.61 26.51 36.31
C ARG D 123 -27.51 27.62 35.76
N TRP D 124 -27.04 28.32 34.73
CA TRP D 124 -27.87 29.33 34.05
C TRP D 124 -29.08 28.67 33.38
N VAL D 125 -28.84 27.64 32.56
CA VAL D 125 -29.91 26.90 31.89
C VAL D 125 -30.88 26.30 32.89
N TYR D 126 -30.39 25.71 33.97
CA TYR D 126 -31.29 25.06 34.91
C TYR D 126 -31.87 26.01 35.94
N GLU D 127 -31.39 27.25 35.99
CA GLU D 127 -31.76 28.25 37.00
C GLU D 127 -31.54 27.71 38.40
N SER D 128 -30.36 27.16 38.63
CA SER D 128 -30.12 26.38 39.83
C SER D 128 -28.77 26.74 40.40
N ASP D 129 -28.64 26.63 41.72
CA ASP D 129 -27.34 26.76 42.36
C ASP D 129 -26.58 25.44 42.48
N GLU D 130 -27.18 24.31 42.13
CA GLU D 130 -26.48 23.03 42.22
C GLU D 130 -25.37 22.96 41.19
N PRO D 131 -24.19 22.43 41.54
CA PRO D 131 -23.11 22.28 40.56
C PRO D 131 -23.59 21.56 39.30
N PHE D 132 -23.22 22.12 38.15
CA PHE D 132 -23.57 21.56 36.84
C PHE D 132 -25.09 21.51 36.67
N GLY D 133 -25.82 22.41 37.34
CA GLY D 133 -27.26 22.39 37.29
C GLY D 133 -27.90 21.16 37.89
N GLY D 134 -27.15 20.35 38.66
CA GLY D 134 -27.65 19.10 39.20
C GLY D 134 -27.41 17.91 38.29
N VAL D 135 -26.82 18.13 37.12
CA VAL D 135 -26.58 17.02 36.21
C VAL D 135 -25.46 16.16 36.78
N GLN D 136 -25.60 14.84 36.68
CA GLN D 136 -24.51 13.93 37.05
C GLN D 136 -23.47 13.89 35.94
N VAL D 137 -22.20 13.99 36.31
CA VAL D 137 -21.08 14.12 35.36
C VAL D 137 -20.22 12.88 35.55
N VAL D 138 -19.97 12.15 34.46
CA VAL D 138 -19.07 11.01 34.48
C VAL D 138 -17.95 11.32 33.49
N MET D 139 -16.73 11.35 33.98
CA MET D 139 -15.57 11.76 33.20
C MET D 139 -14.69 10.54 32.97
N PHE D 140 -14.18 10.40 31.74
CA PHE D 140 -13.32 9.28 31.41
C PHE D 140 -11.96 9.79 30.92
N GLY D 141 -10.87 9.17 31.35
CA GLY D 141 -9.59 9.56 30.81
C GLY D 141 -8.47 9.10 31.69
N ASP D 142 -7.29 9.65 31.38
CA ASP D 142 -6.05 9.19 32.01
C ASP D 142 -5.20 10.43 32.18
N LEU D 143 -5.01 10.87 33.42
CA LEU D 143 -4.26 12.12 33.64
C LEU D 143 -2.79 12.01 33.24
N PHE D 144 -2.26 10.80 33.10
CA PHE D 144 -0.87 10.65 32.68
C PHE D 144 -0.74 10.59 31.16
N GLN D 145 -1.82 10.89 30.43
CA GLN D 145 -1.66 11.15 29.01
C GLN D 145 -1.51 12.66 28.81
N LEU D 146 -1.98 13.24 27.67
CA LEU D 146 -1.65 14.66 27.47
C LEU D 146 -2.49 15.57 28.37
N PRO D 147 -1.89 16.62 28.93
CA PRO D 147 -2.63 17.63 29.67
C PRO D 147 -3.36 18.59 28.73
N PRO D 148 -4.17 19.51 29.25
CA PRO D 148 -4.84 20.48 28.36
C PRO D 148 -3.82 21.38 27.67
N VAL D 149 -4.19 21.87 26.50
CA VAL D 149 -3.32 22.79 25.77
C VAL D 149 -3.49 24.17 26.39
N THR D 150 -2.40 24.77 26.85
CA THR D 150 -2.46 26.16 27.32
C THR D 150 -1.21 26.89 26.88
N LYS D 151 -1.38 28.06 26.29
CA LYS D 151 -0.20 28.87 26.03
C LYS D 151 0.27 29.55 27.31
N LYS D 152 1.52 30.01 27.26
CA LYS D 152 2.15 30.70 28.38
C LYS D 152 1.26 31.81 28.93
N GLN D 153 0.74 32.65 28.04
CA GLN D 153 -0.03 33.81 28.47
C GLN D 153 -1.36 33.39 29.09
N GLU D 154 -1.93 32.27 28.63
CA GLU D 154 -3.15 31.75 29.24
C GLU D 154 -2.89 31.25 30.65
N ARG D 155 -1.72 30.62 30.88
CA ARG D 155 -1.44 30.12 32.22
C ARG D 155 -1.26 31.27 33.21
N GLU D 156 -0.60 32.34 32.77
CA GLU D 156 -0.46 33.53 33.59
C GLU D 156 -1.83 34.11 33.96
N ILE D 157 -2.70 34.28 32.97
CA ILE D 157 -4.06 34.76 33.26
C ILE D 157 -4.76 33.82 34.22
N LEU D 158 -4.60 32.50 34.04
CA LEU D 158 -5.36 31.56 34.87
C LEU D 158 -4.74 31.39 36.26
N SER D 159 -3.43 31.62 36.40
CA SER D 159 -2.78 31.40 37.70
C SER D 159 -3.35 32.30 38.80
N ASP D 160 -4.02 33.39 38.47
CA ASP D 160 -4.66 34.19 39.51
C ASP D 160 -5.81 33.45 40.19
N PHE D 161 -6.42 32.49 39.50
CA PHE D 161 -7.64 31.87 40.00
C PHE D 161 -7.52 30.39 40.26
N TYR D 162 -6.54 29.72 39.65
CA TYR D 162 -6.41 28.27 39.66
C TYR D 162 -5.09 27.87 40.30
N ASP D 163 -5.14 26.86 41.16
CA ASP D 163 -3.93 26.31 41.72
C ASP D 163 -3.19 25.39 40.76
N GLY D 164 -3.77 25.06 39.61
CA GLY D 164 -3.09 24.16 38.69
C GLY D 164 -3.93 24.07 37.44
N PHE D 165 -3.44 23.34 36.43
CA PHE D 165 -4.13 23.44 35.15
C PHE D 165 -4.73 22.11 34.66
N PHE D 166 -5.10 21.22 35.58
CA PHE D 166 -5.79 19.98 35.23
C PHE D 166 -7.25 20.11 35.63
N PHE D 167 -8.06 19.17 35.14
CA PHE D 167 -9.50 19.38 35.32
C PHE D 167 -9.89 19.38 36.79
N PHE D 168 -9.19 18.62 37.63
CA PHE D 168 -9.58 18.56 39.03
C PHE D 168 -9.24 19.83 39.79
N ASN D 169 -8.50 20.76 39.18
CA ASN D 169 -8.31 22.09 39.76
C ASN D 169 -9.51 23.01 39.55
N ALA D 170 -10.56 22.56 38.87
CA ALA D 170 -11.72 23.43 38.68
C ALA D 170 -12.33 23.89 40.01
N LEU D 171 -12.78 25.15 40.04
CA LEU D 171 -13.37 25.74 41.26
C LEU D 171 -14.63 25.02 41.67
N VAL D 172 -15.36 24.44 40.71
CA VAL D 172 -16.56 23.68 41.03
C VAL D 172 -16.28 22.55 42.00
N PHE D 173 -15.03 22.08 42.09
CA PHE D 173 -14.78 20.98 43.02
C PHE D 173 -14.54 21.48 44.45
N LYS D 174 -14.68 22.79 44.71
CA LYS D 174 -14.92 23.22 46.10
C LYS D 174 -16.35 23.01 46.53
N ARG D 175 -17.28 22.80 45.60
CA ARG D 175 -18.69 22.63 45.91
C ARG D 175 -19.21 21.25 45.60
N THR D 176 -18.50 20.46 44.82
CA THR D 176 -18.89 19.09 44.56
C THR D 176 -17.61 18.27 44.48
N GLY D 177 -17.75 16.97 44.25
CA GLY D 177 -16.57 16.13 44.13
C GLY D 177 -16.93 14.91 43.31
N PHE D 178 -16.05 13.91 43.31
CA PHE D 178 -16.29 12.73 42.49
C PHE D 178 -15.57 11.53 43.05
N HIS D 179 -16.19 10.36 42.87
CA HIS D 179 -15.53 9.08 43.09
C HIS D 179 -14.48 8.88 42.01
N ILE D 180 -13.44 8.14 42.32
CA ILE D 180 -12.49 7.71 41.31
C ILE D 180 -12.57 6.21 41.25
N VAL D 181 -12.82 5.66 40.05
CA VAL D 181 -12.85 4.22 39.85
C VAL D 181 -11.91 3.92 38.69
N GLU D 182 -11.38 2.71 38.63
CA GLU D 182 -10.35 2.44 37.63
C GLU D 182 -10.61 1.14 36.91
N LEU D 183 -10.27 1.14 35.63
CA LEU D 183 -10.24 -0.09 34.82
C LEU D 183 -8.78 -0.53 34.78
N THR D 184 -8.50 -1.75 35.24
CA THR D 184 -7.10 -2.11 35.45
C THR D 184 -6.62 -3.22 34.51
N LYS D 185 -7.43 -3.64 33.55
CA LYS D 185 -7.02 -4.65 32.56
C LYS D 185 -6.74 -4.00 31.21
N ILE D 186 -5.56 -4.26 30.65
CA ILE D 186 -5.19 -3.65 29.38
C ILE D 186 -5.74 -4.52 28.25
N PHE D 187 -6.43 -3.91 27.30
CA PHE D 187 -6.90 -4.68 26.14
C PHE D 187 -6.14 -4.38 24.88
N ARG D 188 -5.70 -3.13 24.67
CA ARG D 188 -5.19 -2.76 23.35
C ARG D 188 -3.93 -3.54 23.02
N GLN D 189 -3.00 -3.62 23.97
CA GLN D 189 -1.75 -4.37 23.80
C GLN D 189 -1.89 -5.72 24.48
N THR D 190 -1.18 -6.74 23.94
CA THR D 190 -1.20 -8.08 24.51
C THR D 190 0.16 -8.58 24.98
N GLU D 191 1.25 -7.88 24.68
CA GLU D 191 2.60 -8.37 25.02
C GLU D 191 3.02 -7.83 26.38
N PRO D 192 3.25 -8.70 27.38
CA PRO D 192 3.49 -8.20 28.75
C PRO D 192 4.70 -7.30 28.88
N GLU D 193 5.79 -7.60 28.17
CA GLU D 193 6.94 -6.70 28.28
C GLU D 193 6.70 -5.37 27.60
N PHE D 194 5.93 -5.34 26.50
CA PHE D 194 5.58 -4.05 25.91
C PHE D 194 4.70 -3.27 26.88
N ILE D 195 3.72 -3.94 27.47
CA ILE D 195 2.83 -3.29 28.43
C ILE D 195 3.62 -2.73 29.62
N ASN D 196 4.59 -3.50 30.12
CA ASN D 196 5.36 -3.07 31.29
CA ASN D 196 5.29 -3.04 31.31
C ASN D 196 6.15 -1.79 31.00
N VAL D 197 6.79 -1.72 29.83
CA VAL D 197 7.54 -0.50 29.53
C VAL D 197 6.58 0.67 29.31
N LEU D 198 5.45 0.44 28.64
CA LEU D 198 4.46 1.49 28.51
C LEU D 198 4.05 2.03 29.87
N ASN D 199 3.65 1.14 30.79
CA ASN D 199 3.25 1.57 32.12
C ASN D 199 4.35 2.34 32.84
N ASN D 200 5.61 1.92 32.69
CA ASN D 200 6.67 2.58 33.43
C ASN D 200 7.07 3.89 32.79
N ILE D 201 6.82 4.06 31.49
CA ILE D 201 6.96 5.38 30.91
C ILE D 201 5.88 6.30 31.45
N ARG D 202 4.65 5.77 31.53
CA ARG D 202 3.50 6.55 31.96
C ARG D 202 3.71 7.13 33.35
N ASN D 203 4.26 6.31 34.26
CA ASN D 203 4.36 6.73 35.66
C ASN D 203 5.76 7.23 35.99
N TYR D 204 6.59 7.49 34.98
CA TYR D 204 7.93 8.06 35.10
C TYR D 204 8.94 7.11 35.74
N GLN D 205 8.59 5.85 35.99
CA GLN D 205 9.51 4.96 36.71
C GLN D 205 10.40 4.12 35.81
N VAL D 206 10.35 4.32 34.50
CA VAL D 206 11.05 3.42 33.59
C VAL D 206 12.56 3.53 33.78
N THR D 207 13.26 2.41 33.58
CA THR D 207 14.71 2.36 33.69
C THR D 207 15.36 2.26 32.32
N SER D 208 16.68 2.48 32.28
CA SER D 208 17.45 2.28 31.04
C SER D 208 17.30 0.86 30.50
N ASP D 209 17.42 -0.14 31.37
CA ASP D 209 17.28 -1.53 30.92
C ASP D 209 15.90 -1.77 30.30
N GLU D 210 14.84 -1.22 30.91
CA GLU D 210 13.52 -1.42 30.33
C GLU D 210 13.41 -0.75 28.98
N LEU D 211 13.98 0.46 28.87
CA LEU D 211 13.93 1.18 27.61
C LEU D 211 14.66 0.46 26.48
N ASP D 212 15.61 -0.42 26.81
CA ASP D 212 16.32 -1.14 25.76
C ASP D 212 15.37 -2.03 24.96
N LEU D 213 14.27 -2.45 25.57
CA LEU D 213 13.26 -3.19 24.81
C LEU D 213 12.80 -2.43 23.58
N LEU D 214 12.93 -1.09 23.55
CA LEU D 214 12.44 -0.30 22.42
C LEU D 214 13.54 0.06 21.41
N SER D 215 14.74 -0.53 21.51
CA SER D 215 15.80 -0.18 20.57
C SER D 215 15.42 -0.48 19.13
N GLU D 216 14.68 -1.58 18.89
CA GLU D 216 14.30 -1.97 17.53
C GLU D 216 13.41 -0.95 16.84
N LEU D 217 12.85 0.03 17.55
CA LEU D 217 11.93 0.97 16.93
C LEU D 217 12.65 1.90 15.97
N LYS D 218 13.84 2.36 16.31
CA LYS D 218 14.40 3.51 15.63
C LYS D 218 14.81 3.13 14.21
N ASP D 219 14.29 3.85 13.23
CA ASP D 219 14.58 3.56 11.83
C ASP D 219 14.32 2.09 11.50
N ARG D 220 13.30 1.49 12.11
CA ARG D 220 12.93 0.11 11.78
C ARG D 220 12.71 0.03 10.29
N LYS D 221 13.32 -0.99 9.67
CA LYS D 221 13.26 -1.16 8.22
C LYS D 221 11.84 -1.50 7.78
N ILE D 222 11.21 -0.60 7.03
CA ILE D 222 9.98 -0.92 6.32
C ILE D 222 10.30 -1.10 4.84
N SER D 223 10.59 -2.33 4.42
CA SER D 223 11.09 -2.54 3.07
C SER D 223 10.04 -2.23 1.99
N SER D 224 8.77 -2.48 2.24
CA SER D 224 7.75 -2.08 1.27
C SER D 224 6.42 -1.87 1.99
N SER D 225 5.58 -1.00 1.43
CA SER D 225 4.34 -0.63 2.07
C SER D 225 3.46 0.10 1.07
N TYR D 226 2.16 0.10 1.34
CA TYR D 226 1.17 0.91 0.64
C TYR D 226 0.90 2.20 1.42
N ASP D 227 0.26 3.17 0.75
CA ASP D 227 0.19 4.53 1.26
C ASP D 227 -0.58 4.63 2.57
N ASN D 228 -1.61 3.81 2.76
CA ASN D 228 -2.45 3.90 3.95
C ASN D 228 -2.12 2.83 4.99
N GLU D 229 -0.96 2.20 4.90
CA GLU D 229 -0.60 1.13 5.83
C GLU D 229 -0.12 1.69 7.18
N TYR D 230 0.69 2.74 7.17
CA TYR D 230 1.27 3.31 8.38
C TYR D 230 0.71 4.71 8.55
N ILE D 231 0.35 5.07 9.76
CA ILE D 231 0.04 6.48 9.99
C ILE D 231 1.24 7.11 10.66
N HIS D 232 1.46 8.39 10.37
CA HIS D 232 2.51 9.16 11.03
C HIS D 232 1.87 9.99 12.16
N ILE D 233 2.49 9.94 13.34
CA ILE D 233 2.01 10.71 14.49
C ILE D 233 3.17 11.56 14.99
N CYS D 234 2.96 12.87 15.09
CA CYS D 234 4.06 13.80 15.33
C CYS D 234 3.81 14.71 16.53
N THR D 235 4.90 15.10 17.19
CA THR D 235 4.74 16.10 18.24
C THR D 235 4.32 17.45 17.68
N HIS D 236 4.77 17.79 16.45
CA HIS D 236 4.63 19.14 15.91
C HIS D 236 3.81 19.18 14.64
N LYS D 237 3.01 20.25 14.48
CA LYS D 237 2.18 20.37 13.28
C LYS D 237 3.04 20.67 12.04
N ALA D 238 4.23 21.25 12.23
CA ALA D 238 5.12 21.50 11.10
C ALA D 238 5.58 20.20 10.46
N ASP D 239 5.86 19.18 11.27
CA ASP D 239 6.20 17.87 10.73
C ASP D 239 5.01 17.20 10.07
N VAL D 240 3.82 17.34 10.65
CA VAL D 240 2.61 16.80 10.00
C VAL D 240 2.48 17.36 8.59
N GLU D 241 2.55 18.68 8.44
CA GLU D 241 2.42 19.31 7.11
C GLU D 241 3.46 18.77 6.13
N LYS D 242 4.71 18.63 6.56
CA LYS D 242 5.75 18.07 5.70
C LYS D 242 5.40 16.67 5.21
N ILE D 243 5.05 15.78 6.15
CA ILE D 243 4.77 14.38 5.79
C ILE D 243 3.56 14.31 4.87
N ASN D 244 2.54 15.11 5.16
CA ASN D 244 1.37 15.11 4.29
C ASN D 244 1.74 15.57 2.89
N ALA D 245 2.64 16.55 2.77
CA ALA D 245 3.10 17.00 1.46
C ALA D 245 3.88 15.91 0.74
N ASP D 246 4.83 15.26 1.41
CA ASP D 246 5.62 14.22 0.77
C ASP D 246 4.73 13.07 0.29
N LYS D 247 3.84 12.57 1.17
CA LYS D 247 2.96 11.48 0.76
C LYS D 247 1.96 11.93 -0.31
N LEU D 248 1.71 13.24 -0.41
CA LEU D 248 0.91 13.74 -1.51
C LEU D 248 1.61 13.58 -2.84
N GLY D 249 2.94 13.62 -2.83
CA GLY D 249 3.75 13.48 -4.03
C GLY D 249 3.46 14.51 -5.10
N GLN D 251 2.10 15.16 -9.00
CA GLN D 251 1.53 14.23 -9.97
C GLN D 251 0.02 14.08 -9.77
N GLU D 252 -0.75 14.82 -10.57
CA GLU D 252 -2.22 14.78 -10.62
C GLU D 252 -2.84 15.54 -9.45
N ILE D 253 -2.29 16.72 -9.13
CA ILE D 253 -2.69 17.47 -7.95
C ILE D 253 -3.63 18.59 -8.35
N ARG D 254 -4.66 18.83 -7.54
CA ARG D 254 -5.63 19.89 -7.76
C ARG D 254 -5.61 20.88 -6.59
N ASN D 255 -5.34 22.14 -6.89
CA ASN D 255 -5.28 23.20 -5.89
C ASN D 255 -6.66 23.88 -5.77
N TYR D 256 -6.98 24.39 -4.58
CA TYR D 256 -8.34 24.87 -4.37
C TYR D 256 -8.48 26.27 -3.80
N ASP D 257 -7.52 26.72 -2.97
CA ASP D 257 -7.43 28.12 -2.56
C ASP D 257 -8.54 28.63 -1.62
N ILE D 258 -8.20 29.67 -0.82
CA ILE D 258 -9.07 30.37 0.11
C ILE D 258 -9.70 31.56 -0.60
N VAL D 259 -10.87 32.00 -0.14
CA VAL D 259 -11.31 33.37 -0.39
C VAL D 259 -11.90 33.99 0.87
N SER D 268 -5.34 32.92 12.50
CA SER D 268 -6.66 32.58 13.05
C SER D 268 -7.50 31.82 12.04
N ILE D 269 -6.96 31.64 10.83
CA ILE D 269 -7.68 30.93 9.78
C ILE D 269 -7.80 29.46 10.16
N PRO D 270 -9.00 28.88 10.16
CA PRO D 270 -9.17 27.47 10.53
C PRO D 270 -9.01 26.46 9.40
N CYS D 271 -8.60 26.88 8.20
CA CYS D 271 -8.46 25.96 7.07
C CYS D 271 -7.09 26.11 6.40
N ASP D 272 -6.98 25.67 5.15
CA ASP D 272 -5.71 25.70 4.40
C ASP D 272 -5.99 25.87 2.91
N LEU D 273 -4.93 26.18 2.15
CA LEU D 273 -4.99 26.27 0.68
C LEU D 273 -4.81 24.86 0.10
N HIS D 274 -5.93 24.13 0.05
CA HIS D 274 -5.90 22.68 -0.02
C HIS D 274 -5.42 22.17 -1.37
N LEU D 275 -4.52 21.18 -1.34
CA LEU D 275 -4.12 20.39 -2.49
C LEU D 275 -4.33 18.92 -2.18
N LYS D 276 -4.85 18.17 -3.15
CA LYS D 276 -5.16 16.75 -2.96
C LYS D 276 -4.93 16.00 -4.27
N LEU D 277 -4.98 14.66 -4.18
CA LEU D 277 -4.94 13.82 -5.37
C LEU D 277 -6.23 13.00 -5.46
N ARG D 278 -6.24 11.78 -4.94
CA ARG D 278 -7.34 10.81 -5.06
C ARG D 278 -6.89 9.44 -4.54
N ALA D 281 -5.95 10.04 -1.55
CA ALA D 281 -5.60 11.07 -0.56
C ALA D 281 -6.38 10.87 0.74
N ARG D 282 -5.63 10.73 1.84
CA ARG D 282 -6.21 10.54 3.15
C ARG D 282 -6.64 11.90 3.70
N VAL D 283 -7.93 12.04 4.08
CA VAL D 283 -8.48 13.35 4.44
C VAL D 283 -9.23 13.28 5.77
N MET D 284 -9.38 14.45 6.39
CA MET D 284 -10.08 14.63 7.66
C MET D 284 -11.02 15.82 7.54
N SER D 285 -12.28 15.63 7.94
CA SER D 285 -13.26 16.72 7.96
C SER D 285 -13.01 17.67 9.13
N LEU D 286 -13.32 18.95 8.91
CA LEU D 286 -12.96 19.99 9.86
C LEU D 286 -14.12 20.61 10.62
N VAL D 287 -15.38 20.37 10.21
CA VAL D 287 -16.54 20.98 10.87
C VAL D 287 -17.67 19.96 10.99
N ASN D 288 -18.67 20.34 11.78
CA ASN D 288 -19.89 19.57 11.93
C ASN D 288 -20.96 20.09 10.97
N ASP D 289 -21.71 19.16 10.36
CA ASP D 289 -22.87 19.51 9.54
C ASP D 289 -23.82 18.31 9.56
N SER D 290 -24.80 18.36 10.47
CA SER D 290 -25.73 17.25 10.63
C SER D 290 -26.62 17.05 9.41
N LEU D 291 -26.81 18.08 8.60
CA LEU D 291 -27.63 17.97 7.39
C LEU D 291 -26.99 17.02 6.38
N TYR D 294 -21.48 14.50 8.36
CA TYR D 294 -20.06 14.56 8.70
C TYR D 294 -19.79 15.44 9.92
N TYR D 295 -18.68 15.17 10.62
CA TYR D 295 -18.36 15.94 11.82
C TYR D 295 -16.84 16.15 11.91
N ASN D 296 -16.46 17.06 12.79
CA ASN D 296 -15.06 17.42 13.02
C ASN D 296 -14.26 16.19 13.47
N GLY D 297 -13.22 15.84 12.69
CA GLY D 297 -12.36 14.72 12.99
C GLY D 297 -12.69 13.44 12.25
N MET D 298 -13.77 13.42 11.47
CA MET D 298 -14.06 12.23 10.69
C MET D 298 -13.02 12.09 9.58
N LEU D 299 -12.57 10.84 9.35
CA LEU D 299 -11.54 10.48 8.38
C LEU D 299 -12.14 9.76 7.17
N GLY D 300 -11.42 9.83 6.05
CA GLY D 300 -11.83 9.21 4.80
C GLY D 300 -10.77 9.31 3.72
N ILE D 301 -11.14 8.87 2.50
CA ILE D 301 -10.25 8.88 1.34
C ILE D 301 -10.94 9.53 0.15
N VAL D 302 -10.24 10.45 -0.51
CA VAL D 302 -10.80 11.17 -1.65
C VAL D 302 -10.99 10.23 -2.83
N THR D 303 -12.21 10.22 -3.38
CA THR D 303 -12.54 9.41 -4.53
C THR D 303 -12.75 10.22 -5.80
N ALA D 304 -13.02 11.51 -5.69
CA ALA D 304 -13.28 12.35 -6.86
C ALA D 304 -13.02 13.81 -6.50
N LEU D 305 -12.51 14.55 -7.48
CA LEU D 305 -12.26 15.98 -7.35
C LEU D 305 -12.84 16.68 -8.57
N GLU D 306 -13.68 17.70 -8.33
CA GLU D 306 -14.32 18.52 -9.35
C GLU D 306 -14.12 19.98 -8.97
N ASP D 307 -14.64 20.89 -9.83
CA ASP D 307 -14.53 22.32 -9.54
C ASP D 307 -15.02 22.65 -8.13
N ASN D 308 -16.10 22.01 -7.71
CA ASN D 308 -16.60 22.16 -6.35
C ASN D 308 -16.67 20.78 -5.68
N THR D 311 -15.47 14.43 -3.88
CA THR D 311 -16.19 13.64 -2.88
C THR D 311 -15.23 12.65 -2.21
N VAL D 312 -15.66 12.07 -1.08
CA VAL D 312 -14.76 11.31 -0.20
C VAL D 312 -15.48 10.04 0.27
N ARG D 313 -14.74 8.93 0.37
CA ARG D 313 -15.26 7.70 0.97
C ARG D 313 -14.79 7.64 2.42
N MET D 314 -15.67 8.02 3.33
CA MET D 314 -15.34 8.07 4.75
C MET D 314 -15.07 6.68 5.32
N ASP D 315 -14.20 6.65 6.35
CA ASP D 315 -14.20 5.55 7.30
C ASP D 315 -15.62 5.38 7.84
N ASN D 316 -15.96 4.17 8.26
CA ASN D 316 -17.24 3.85 8.92
C ASN D 316 -18.35 4.83 8.53
N GLY D 317 -18.69 4.85 7.26
CA GLY D 317 -19.60 5.85 6.75
C GLY D 317 -19.76 5.69 5.26
N ARG D 318 -20.57 6.59 4.70
CA ARG D 318 -20.90 6.57 3.29
C ARG D 318 -19.96 7.50 2.52
N THR D 319 -20.36 7.88 1.31
CA THR D 319 -19.65 8.83 0.49
C THR D 319 -20.32 10.19 0.66
N ILE D 320 -19.52 11.23 0.88
CA ILE D 320 -20.02 12.57 1.14
C ILE D 320 -19.45 13.52 0.09
N LYS D 321 -20.28 14.45 -0.37
CA LYS D 321 -19.88 15.43 -1.38
C LYS D 321 -19.67 16.76 -0.67
N PHE D 322 -18.39 17.12 -0.46
CA PHE D 322 -18.10 18.35 0.26
C PHE D 322 -18.12 19.55 -0.67
N GLU D 323 -18.87 20.57 -0.27
CA GLU D 323 -18.81 21.91 -0.86
C GLU D 323 -18.10 22.84 0.11
N ARG D 324 -17.74 24.02 -0.39
CA ARG D 324 -17.03 24.99 0.44
C ARG D 324 -17.87 25.39 1.65
N TYR D 325 -17.17 25.76 2.72
CA TYR D 325 -17.74 26.17 4.00
C TYR D 325 -17.25 27.58 4.31
N THR D 326 -18.07 28.35 5.03
CA THR D 326 -17.74 29.75 5.35
C THR D 326 -17.68 29.94 6.87
N TRP D 327 -16.49 30.32 7.36
CA TRP D 327 -16.28 30.57 8.77
C TRP D 327 -16.60 32.01 9.15
N SER D 328 -17.38 32.18 10.21
CA SER D 328 -17.79 33.49 10.74
C SER D 328 -18.23 34.48 9.66
N SER D 346 -14.59 37.30 6.80
CA SER D 346 -14.79 35.87 7.00
C SER D 346 -13.77 35.04 6.22
N CYS D 347 -14.10 33.77 5.94
CA CYS D 347 -13.21 32.89 5.17
C CYS D 347 -14.02 31.71 4.64
N THR D 348 -13.73 31.31 3.39
CA THR D 348 -14.44 30.21 2.73
C THR D 348 -13.44 29.27 2.06
N GLN D 349 -13.60 27.96 2.30
CA GLN D 349 -12.76 26.94 1.67
C GLN D 349 -13.40 25.58 1.96
N PHE D 350 -12.85 24.55 1.30
CA PHE D 350 -13.29 23.19 1.59
C PHE D 350 -12.99 22.83 3.05
N PRO D 351 -13.97 21.95 3.82
CA PRO D 351 -13.76 21.67 5.26
C PRO D 351 -12.94 20.39 5.45
N LEU D 352 -11.80 20.31 4.76
CA LEU D 352 -10.98 19.11 4.71
C LEU D 352 -9.52 19.47 4.92
N THR D 353 -8.72 18.47 5.29
CA THR D 353 -7.26 18.59 5.31
C THR D 353 -6.70 17.18 5.21
N LEU D 354 -5.48 17.05 4.67
CA LEU D 354 -4.84 15.75 4.55
C LEU D 354 -4.55 15.12 5.92
N ALA D 355 -4.56 13.78 5.98
CA ALA D 355 -4.44 13.11 7.26
C ALA D 355 -3.69 11.79 7.14
N TRP D 356 -2.65 11.74 6.29
CA TRP D 356 -1.63 10.70 6.46
C TRP D 356 -0.77 10.93 7.71
N ALA D 357 -0.69 12.17 8.18
CA ALA D 357 0.01 12.47 9.43
C ALA D 357 -0.92 13.28 10.30
N ILE D 358 -0.77 13.12 11.61
CA ILE D 358 -1.57 13.84 12.58
C ILE D 358 -0.66 14.12 13.77
N THR D 359 -1.05 15.09 14.60
CA THR D 359 -0.31 15.31 15.83
C THR D 359 -0.61 14.21 16.85
N ILE D 360 0.28 14.05 17.82
CA ILE D 360 0.01 13.15 18.94
C ILE D 360 -1.24 13.61 19.70
N HIS D 361 -1.44 14.91 19.79
CA HIS D 361 -2.65 15.43 20.44
C HIS D 361 -3.92 14.92 19.76
N LYS D 362 -3.94 14.92 18.42
CA LYS D 362 -5.13 14.38 17.77
C LYS D 362 -5.16 12.86 17.76
N SER D 363 -4.05 12.20 18.05
CA SER D 363 -4.05 10.75 18.07
C SER D 363 -4.65 10.20 19.37
N GLN D 364 -4.70 11.01 20.42
CA GLN D 364 -5.05 10.48 21.74
C GLN D 364 -6.50 10.03 21.71
N GLY D 365 -6.73 8.78 22.12
CA GLY D 365 -8.03 8.12 21.99
C GLY D 365 -8.07 7.05 20.90
N LEU D 366 -7.19 7.12 19.89
CA LEU D 366 -7.23 6.18 18.75
C LEU D 366 -6.35 4.96 18.95
N THR D 367 -6.64 3.92 18.15
CA THR D 367 -5.86 2.68 18.11
C THR D 367 -5.36 2.44 16.70
N PHE D 368 -4.15 1.91 16.56
CA PHE D 368 -3.55 1.64 15.24
C PHE D 368 -2.80 0.33 15.28
N ASP D 369 -2.65 -0.29 14.10
CA ASP D 369 -1.78 -1.47 13.97
C ASP D 369 -0.35 -1.10 13.59
N LYS D 370 -0.15 -0.02 12.87
CA LYS D 370 1.16 0.36 12.34
C LYS D 370 1.33 1.86 12.45
N ILE D 371 2.36 2.32 13.16
CA ILE D 371 2.57 3.76 13.31
C ILE D 371 4.03 4.09 13.12
N ILE D 372 4.26 5.32 12.67
CA ILE D 372 5.58 5.94 12.66
C ILE D 372 5.49 7.19 13.53
N ILE D 373 6.26 7.24 14.60
CA ILE D 373 6.16 8.32 15.58
C ILE D 373 7.38 9.22 15.44
N HIS D 374 7.15 10.52 15.54
CA HIS D 374 8.18 11.54 15.39
C HIS D 374 8.26 12.26 16.73
N VAL D 375 9.14 11.77 17.61
CA VAL D 375 9.20 12.23 18.99
C VAL D 375 10.59 12.75 19.33
N SER D 376 11.40 13.09 18.31
CA SER D 376 12.74 13.57 18.63
C SER D 376 12.67 14.86 19.46
N HIS D 377 11.55 15.58 19.41
CA HIS D 377 11.33 16.68 20.34
C HIS D 377 9.95 16.53 21.01
N THR D 378 9.91 16.04 22.24
CA THR D 378 8.68 16.10 23.05
C THR D 378 8.72 17.31 23.98
N PHE D 379 7.55 17.87 24.26
CA PHE D 379 7.47 19.07 25.09
C PHE D 379 6.27 19.06 26.04
N CYS D 380 5.48 17.97 26.10
CA CYS D 380 4.32 17.84 27.00
C CYS D 380 4.50 16.61 27.88
N PRO D 381 4.15 16.67 29.17
CA PRO D 381 3.98 15.43 29.93
C PRO D 381 3.05 14.48 29.16
N GLY D 382 3.35 13.18 29.21
CA GLY D 382 2.52 12.17 28.62
C GLY D 382 2.55 12.09 27.09
N GLN D 383 3.33 12.93 26.40
CA GLN D 383 3.28 12.95 24.93
C GLN D 383 3.90 11.69 24.34
N LEU D 384 5.07 11.28 24.87
CA LEU D 384 5.70 10.03 24.44
C LEU D 384 4.83 8.84 24.76
N TYR D 385 4.21 8.86 25.94
CA TYR D 385 3.38 7.72 26.33
C TYR D 385 2.20 7.58 25.38
N VAL D 386 1.55 8.68 25.03
CA VAL D 386 0.40 8.59 24.11
C VAL D 386 0.85 8.03 22.76
N ALA D 387 1.99 8.52 22.27
CA ALA D 387 2.50 8.08 20.97
C ALA D 387 2.70 6.58 20.94
N LEU D 388 3.47 6.05 21.89
CA LEU D 388 3.76 4.62 21.94
C LEU D 388 2.52 3.77 22.20
N SER D 389 1.58 4.26 23.03
CA SER D 389 0.47 3.40 23.41
C SER D 389 -0.67 3.39 22.38
N ARG D 390 -0.55 4.07 21.25
CA ARG D 390 -1.57 3.96 20.20
C ARG D 390 -1.53 2.60 19.52
N CYS D 391 -0.39 1.93 19.55
CA CYS D 391 -0.16 0.75 18.71
C CYS D 391 -0.47 -0.54 19.45
N ARG D 392 -1.09 -1.50 18.71
CA ARG D 392 -1.46 -2.76 19.34
C ARG D 392 -0.25 -3.63 19.66
N THR D 393 0.83 -3.50 18.88
CA THR D 393 2.00 -4.35 19.08
C THR D 393 3.25 -3.50 19.01
N LEU D 394 4.31 -4.01 19.64
CA LEU D 394 5.61 -3.36 19.60
C LEU D 394 6.17 -3.32 18.18
N GLU D 395 6.09 -4.46 17.48
CA GLU D 395 6.64 -4.52 16.13
C GLU D 395 5.96 -3.55 15.17
N GLY D 396 4.74 -3.11 15.49
CA GLY D 396 4.08 -2.16 14.61
C GLY D 396 4.58 -0.73 14.70
N ILE D 397 5.47 -0.41 15.67
CA ILE D 397 5.93 0.97 15.83
C ILE D 397 7.26 1.16 15.11
N VAL D 398 7.37 2.26 14.37
CA VAL D 398 8.62 2.81 13.84
C VAL D 398 8.86 4.17 14.48
N SER D 399 10.11 4.44 14.91
CA SER D 399 10.45 5.73 15.50
C SER D 399 11.54 6.46 14.69
N ASP D 400 11.52 7.80 14.73
CA ASP D 400 12.59 8.63 14.19
C ASP D 400 13.79 8.74 15.12
N ALA D 401 13.69 8.25 16.37
CA ALA D 401 14.74 8.51 17.35
C ALA D 401 14.73 7.40 18.38
N PHE D 402 15.88 7.16 18.99
CA PHE D 402 15.87 6.26 20.14
C PHE D 402 14.96 6.86 21.21
N ILE D 403 14.21 6.01 21.88
CA ILE D 403 13.33 6.45 22.97
C ILE D 403 14.16 6.58 24.24
N THR D 404 14.12 7.77 24.87
CA THR D 404 14.98 8.01 26.04
C THR D 404 14.18 8.57 27.20
N LYS D 405 14.81 8.52 28.39
CA LYS D 405 14.22 9.14 29.58
C LYS D 405 14.04 10.63 29.41
N GLN D 406 14.85 11.29 28.58
CA GLN D 406 14.71 12.73 28.42
C GLN D 406 13.43 13.13 27.70
N MET D 407 12.77 12.20 27.03
CA MET D 407 11.46 12.46 26.43
C MET D 407 10.32 12.48 27.45
N ILE D 408 10.58 12.02 28.66
CA ILE D 408 9.55 11.95 29.72
C ILE D 408 9.62 13.21 30.55
N ILE D 409 8.47 13.86 30.77
CA ILE D 409 8.41 15.12 31.50
C ILE D 409 7.46 14.89 32.67
N PRO D 410 7.96 14.83 33.90
CA PRO D 410 7.10 14.50 35.05
C PRO D 410 6.25 15.69 35.46
N GLU D 411 5.02 15.41 35.85
CA GLU D 411 4.15 16.44 36.38
C GLU D 411 3.82 15.99 37.79
N TYR D 412 4.56 16.52 38.78
CA TYR D 412 4.43 15.99 40.13
C TYR D 412 3.09 16.35 40.78
N ALA D 413 2.40 17.36 40.26
CA ALA D 413 1.06 17.65 40.75
C ALA D 413 0.12 16.46 40.54
N LEU D 414 0.38 15.63 39.51
CA LEU D 414 -0.44 14.42 39.30
C LEU D 414 -0.15 13.37 40.36
N ILE D 415 1.14 13.22 40.71
CA ILE D 415 1.49 12.32 41.81
C ILE D 415 0.76 12.74 43.10
N ASP D 416 0.78 14.06 43.41
CA ASP D 416 0.04 14.57 44.57
C ASP D 416 -1.44 14.24 44.50
N PHE D 417 -2.04 14.46 43.33
CA PHE D 417 -3.48 14.19 43.15
C PHE D 417 -3.80 12.73 43.43
N GLU D 418 -3.07 11.78 42.81
CA GLU D 418 -3.35 10.35 43.07
C GLU D 418 -3.15 10.00 44.53
N ARG D 419 -2.07 10.50 45.12
CA ARG D 419 -1.84 10.26 46.55
C ARG D 419 -3.04 10.76 47.37
N ALA D 420 -3.55 11.96 47.03
CA ALA D 420 -4.67 12.49 47.80
C ALA D 420 -5.88 11.57 47.73
N TYR D 421 -6.33 11.22 46.51
CA TYR D 421 -7.61 10.53 46.46
C TYR D 421 -7.47 9.07 46.87
N LYS D 422 -6.33 8.42 46.61
CA LYS D 422 -6.15 7.04 47.06
C LYS D 422 -6.12 6.93 48.59
N SER D 423 -5.59 7.93 49.27
CA SER D 423 -5.58 7.90 50.72
C SER D 423 -6.84 8.47 51.34
N GLU D 424 -7.75 9.03 50.55
CA GLU D 424 -8.99 9.59 51.12
C GLU D 424 -10.24 8.89 50.55
N GLY D 425 -10.22 7.57 50.52
CA GLY D 425 -11.40 6.83 50.10
C GLY D 425 -11.76 6.89 48.62
N ASN D 426 -10.80 7.15 47.72
CA ASN D 426 -11.07 7.18 46.29
C ASN D 426 -12.18 8.17 45.96
N TYR D 427 -12.04 9.35 46.55
CA TYR D 427 -12.97 10.44 46.32
C TYR D 427 -12.16 11.73 46.32
N TYR D 428 -12.58 12.72 45.54
CA TYR D 428 -11.83 13.96 45.50
C TYR D 428 -12.83 15.09 45.46
N GLY D 429 -12.50 16.23 46.15
CA GLY D 429 -13.39 17.38 46.19
C GLY D 429 -14.33 17.34 47.37
N LYS D 430 -15.33 18.19 47.32
CA LYS D 430 -16.22 18.34 48.46
C LYS D 430 -17.11 17.10 48.64
N ARG D 431 -17.05 16.48 49.83
CA ARG D 431 -17.96 15.38 50.14
C ARG D 431 -19.35 15.92 50.45
N LEU D 432 -20.38 15.23 49.96
CA LEU D 432 -21.75 15.78 50.05
C LEU D 432 -22.61 15.08 51.11
#